data_7U5A
#
_entry.id   7U5A
#
_cell.length_a   106.401
_cell.length_b   106.401
_cell.length_c   159.643
_cell.angle_alpha   90.000
_cell.angle_beta   90.000
_cell.angle_gamma   90.000
#
_symmetry.space_group_name_H-M   'P 41 21 2'
#
loop_
_entity.id
_entity.type
_entity.pdbx_description
1 polymer 'Queuine salvage enzyme DUF2419'
2 non-polymer 2-amino-5-({[(1S,4S,5R)-4,5-dihydroxycyclopent-2-en-1-yl]amino}methyl)-7-beta-D-ribofuranosyl-3,7-dihydro-4H-pyrrolo[2,3-d]pyrimidin-4-one
3 non-polymer 'MALONATE ION'
4 water water
#
_entity_poly.entity_id   1
_entity_poly.type   'polypeptide(L)'
_entity_poly.pdbx_seq_one_letter_code
;MADPGDRLGVLTTTRRVVEQAQAVWIDHDAVAQIAEAFAARQVTPPTWNRELHWSDGREALANYILVLDAVNFCFWGEPR
WRIEYAGAVYDGYWALAASLKRALEQGVPLTDASYLAEITRDDVATIFAGEGEIPLLDERARILRETGSVLAERFAGRFS
DAIAAAGRSAVALVDIVTNAFPSFRDVATYRGEQVRFYCRAQILVSDLYGAFDGSDLGAFDDLGELTAFADYKVPQVLHH
LGILRYAPALHDRLARREEIPAGSPEEVEIRAATIWGVEELRRALASRGHALDAYQVDWLLWDEGQRLPAGTLPYHRTRT
IFYLEHHHHHH
;
_entity_poly.pdbx_strand_id   A,B
#
loop_
_chem_comp.id
_chem_comp.type
_chem_comp.name
_chem_comp.formula
MLI non-polymer 'MALONATE ION' 'C3 H2 O4 -2'
QEO non-polymer 2-amino-5-({[(1S,4S,5R)-4,5-dihydroxycyclopent-2-en-1-yl]amino}methyl)-7-beta-D-ribofuranosyl-3,7-dihydro-4H-pyrrolo[2,3-d]pyrimidin-4-one 'C17 H23 N5 O7'
#
# COMPACT_ATOMS: atom_id res chain seq x y z
N PRO A 4 8.81 17.11 5.48
CA PRO A 4 8.94 16.97 4.02
C PRO A 4 7.63 16.86 3.22
N GLY A 5 6.54 16.35 3.83
CA GLY A 5 5.25 16.15 3.13
C GLY A 5 5.24 14.80 2.41
N ASP A 6 5.45 14.81 1.09
CA ASP A 6 5.73 13.59 0.27
C ASP A 6 4.62 12.57 0.51
N ARG A 7 3.37 12.95 0.22
CA ARG A 7 2.19 12.16 0.65
C ARG A 7 1.99 10.95 -0.27
N LEU A 8 2.78 10.84 -1.35
CA LEU A 8 2.88 9.63 -2.22
C LEU A 8 4.10 8.79 -1.81
N GLY A 9 5.07 9.39 -1.13
CA GLY A 9 6.29 8.70 -0.68
C GLY A 9 7.18 8.28 -1.84
N VAL A 10 7.21 9.07 -2.93
CA VAL A 10 8.16 8.82 -4.04
C VAL A 10 9.57 9.23 -3.60
N LEU A 11 9.73 10.43 -3.06
CA LEU A 11 11.06 10.93 -2.57
C LEU A 11 11.58 10.05 -1.44
N THR A 12 10.76 9.80 -0.42
CA THR A 12 11.12 9.06 0.81
C THR A 12 11.66 7.67 0.46
N THR A 13 10.94 6.91 -0.37
CA THR A 13 11.26 5.50 -0.67
C THR A 13 12.47 5.46 -1.62
N THR A 14 12.47 6.29 -2.66
CA THR A 14 13.56 6.34 -3.67
C THR A 14 14.85 6.82 -3.00
N ARG A 15 14.77 7.70 -2.00
CA ARG A 15 15.98 8.19 -1.29
C ARG A 15 16.70 6.99 -0.66
N ARG A 16 15.96 5.99 -0.16
CA ARG A 16 16.59 4.79 0.47
C ARG A 16 17.38 4.02 -0.58
N VAL A 17 16.91 4.00 -1.81
CA VAL A 17 17.60 3.28 -2.93
C VAL A 17 18.91 4.02 -3.23
N VAL A 18 18.85 5.33 -3.44
CA VAL A 18 20.03 6.15 -3.83
C VAL A 18 21.12 5.96 -2.78
N GLU A 19 20.79 6.04 -1.49
CA GLU A 19 21.76 5.88 -0.37
C GLU A 19 22.49 4.54 -0.44
N GLN A 20 21.79 3.45 -0.81
N GLN A 20 21.83 3.43 -0.82
CA GLN A 20 22.31 2.04 -0.83
CA GLN A 20 22.43 2.08 -0.82
C GLN A 20 22.85 1.64 -2.22
C GLN A 20 22.77 1.60 -2.24
N ALA A 21 22.60 2.43 -3.26
CA ALA A 21 22.76 2.00 -4.68
C ALA A 21 24.22 1.63 -5.02
N GLN A 22 24.39 0.57 -5.82
CA GLN A 22 25.72 -0.02 -6.15
C GLN A 22 26.11 0.26 -7.61
N ALA A 23 25.15 0.36 -8.53
CA ALA A 23 25.40 0.45 -9.99
C ALA A 23 25.21 1.89 -10.48
N VAL A 24 24.71 2.79 -9.64
CA VAL A 24 24.34 4.17 -10.05
C VAL A 24 24.65 5.11 -8.90
N TRP A 25 25.17 6.29 -9.19
CA TRP A 25 25.34 7.33 -8.15
C TRP A 25 25.28 8.71 -8.79
N ILE A 26 24.96 9.68 -7.95
CA ILE A 26 24.88 11.11 -8.33
C ILE A 26 26.25 11.76 -8.08
N ASP A 27 26.71 12.52 -9.06
CA ASP A 27 27.92 13.36 -9.03
C ASP A 27 27.46 14.79 -8.72
N HIS A 28 27.43 15.16 -7.44
CA HIS A 28 26.92 16.46 -6.92
C HIS A 28 27.81 17.63 -7.37
N ASP A 29 29.06 17.33 -7.74
CA ASP A 29 29.95 18.34 -8.36
C ASP A 29 29.35 18.71 -9.72
N ALA A 30 28.95 17.70 -10.51
CA ALA A 30 28.31 17.92 -11.83
C ALA A 30 26.98 18.64 -11.65
N VAL A 31 26.25 18.36 -10.56
CA VAL A 31 24.95 19.01 -10.29
C VAL A 31 25.20 20.52 -10.17
N ALA A 32 26.16 20.89 -9.32
CA ALA A 32 26.55 22.30 -9.05
C ALA A 32 26.94 23.01 -10.36
N GLN A 33 27.72 22.34 -11.22
CA GLN A 33 28.23 22.93 -12.49
C GLN A 33 27.07 23.23 -13.42
N ILE A 34 26.16 22.27 -13.56
CA ILE A 34 24.98 22.32 -14.47
C ILE A 34 23.98 23.36 -13.94
N ALA A 35 23.74 23.38 -12.62
CA ALA A 35 22.85 24.36 -11.98
C ALA A 35 23.36 25.77 -12.29
N GLU A 36 24.67 26.00 -12.05
CA GLU A 36 25.37 27.30 -12.28
C GLU A 36 25.12 27.78 -13.71
N ALA A 37 25.23 26.86 -14.68
CA ALA A 37 25.12 27.14 -16.14
C ALA A 37 23.66 27.40 -16.52
N PHE A 38 22.74 26.49 -16.15
CA PHE A 38 21.28 26.61 -16.43
C PHE A 38 20.73 27.88 -15.77
N ALA A 39 21.24 28.23 -14.59
CA ALA A 39 20.83 29.45 -13.83
C ALA A 39 21.45 30.71 -14.47
N ALA A 40 22.66 30.61 -15.02
CA ALA A 40 23.38 31.74 -15.66
C ALA A 40 22.52 32.29 -16.81
N ARG A 41 22.09 31.39 -17.71
CA ARG A 41 21.22 31.75 -18.87
C ARG A 41 19.76 31.51 -18.48
N GLN A 42 19.37 32.03 -17.30
CA GLN A 42 18.03 31.89 -16.66
C GLN A 42 17.07 31.06 -17.53
N VAL A 43 17.39 29.77 -17.71
CA VAL A 43 16.66 28.85 -18.64
C VAL A 43 15.26 28.62 -18.09
N THR A 44 14.35 28.16 -18.95
CA THR A 44 12.91 28.00 -18.65
C THR A 44 12.41 26.81 -19.46
N PRO A 45 11.33 26.11 -19.02
CA PRO A 45 10.96 24.83 -19.62
C PRO A 45 10.13 25.09 -20.88
N PRO A 46 9.89 24.09 -21.75
CA PRO A 46 8.92 24.26 -22.82
C PRO A 46 7.57 24.60 -22.19
N THR A 47 6.66 25.21 -22.95
CA THR A 47 5.31 25.53 -22.44
C THR A 47 4.54 24.21 -22.40
N TRP A 48 3.65 23.99 -23.37
CA TRP A 48 2.98 22.68 -23.57
C TRP A 48 2.65 22.55 -25.05
N ASN A 49 3.34 21.63 -25.73
CA ASN A 49 3.40 21.57 -27.22
C ASN A 49 2.00 21.20 -27.75
N ARG A 50 1.13 22.21 -27.86
CA ARG A 50 -0.30 22.06 -28.23
C ARG A 50 -0.47 22.08 -29.76
N GLU A 51 0.62 21.93 -30.52
CA GLU A 51 0.53 21.68 -31.98
C GLU A 51 0.09 20.22 -32.17
N LEU A 52 0.77 19.27 -31.52
CA LEU A 52 0.58 17.81 -31.76
C LEU A 52 -0.36 17.20 -30.72
N HIS A 53 -0.89 17.99 -29.78
CA HIS A 53 -1.91 17.52 -28.81
C HIS A 53 -3.29 17.97 -29.27
N TRP A 54 -4.22 17.01 -29.29
CA TRP A 54 -5.65 17.24 -29.62
C TRP A 54 -6.25 18.23 -28.61
N SER A 55 -7.21 19.03 -29.08
CA SER A 55 -7.88 20.11 -28.32
C SER A 55 -9.39 19.95 -28.47
N ASP A 56 -10.17 20.34 -27.46
CA ASP A 56 -11.64 20.16 -27.44
C ASP A 56 -12.23 20.77 -26.16
N GLY A 57 -13.48 20.43 -25.86
CA GLY A 57 -14.19 20.84 -24.63
C GLY A 57 -13.69 20.09 -23.41
N ARG A 58 -14.05 20.60 -22.23
CA ARG A 58 -13.63 20.09 -20.90
C ARG A 58 -13.71 18.57 -20.83
N GLU A 59 -14.90 18.00 -21.03
N GLU A 59 -14.92 18.01 -21.01
CA GLU A 59 -15.16 16.56 -20.77
CA GLU A 59 -15.24 16.55 -20.85
C GLU A 59 -14.26 15.71 -21.69
C GLU A 59 -14.24 15.74 -21.69
N ALA A 60 -14.25 15.96 -23.00
CA ALA A 60 -13.52 15.15 -24.01
C ALA A 60 -12.00 15.30 -23.85
N LEU A 61 -11.52 16.50 -23.50
CA LEU A 61 -10.06 16.80 -23.39
C LEU A 61 -9.47 16.09 -22.16
N ALA A 62 -10.16 16.17 -21.03
CA ALA A 62 -9.76 15.49 -19.78
C ALA A 62 -9.64 13.99 -20.03
N ASN A 63 -10.52 13.44 -20.88
CA ASN A 63 -10.50 11.99 -21.25
C ASN A 63 -9.30 11.73 -22.15
N TYR A 64 -9.02 12.63 -23.09
CA TYR A 64 -7.86 12.54 -24.02
C TYR A 64 -6.58 12.34 -23.21
N ILE A 65 -6.36 13.20 -22.22
CA ILE A 65 -5.13 13.22 -21.37
C ILE A 65 -4.97 11.85 -20.71
N LEU A 66 -6.03 11.33 -20.09
CA LEU A 66 -6.03 10.03 -19.38
C LEU A 66 -5.68 8.90 -20.35
N VAL A 67 -6.28 8.90 -21.54
CA VAL A 67 -6.00 7.89 -22.60
C VAL A 67 -4.53 7.98 -22.99
N LEU A 68 -4.08 9.21 -23.29
CA LEU A 68 -2.71 9.49 -23.81
C LEU A 68 -1.68 8.91 -22.83
N ASP A 69 -1.87 9.14 -21.54
CA ASP A 69 -0.88 8.74 -20.52
C ASP A 69 -1.11 7.28 -20.13
N ALA A 70 -2.27 6.70 -20.47
CA ALA A 70 -2.58 5.27 -20.23
C ALA A 70 -1.70 4.38 -21.14
N VAL A 71 -1.32 4.86 -22.33
CA VAL A 71 -0.48 4.08 -23.28
C VAL A 71 0.84 4.84 -23.56
N ASN A 72 1.24 5.75 -22.68
CA ASN A 72 2.50 6.53 -22.80
C ASN A 72 3.67 5.74 -22.19
N PHE A 73 4.28 4.85 -22.97
CA PHE A 73 5.40 4.00 -22.53
C PHE A 73 6.06 3.28 -23.71
N CYS A 74 7.33 2.93 -23.52
CA CYS A 74 8.13 1.94 -24.30
C CYS A 74 7.92 2.05 -25.82
N PHE A 75 8.73 2.88 -26.49
CA PHE A 75 8.58 3.22 -27.92
C PHE A 75 9.75 2.67 -28.73
N TRP A 76 10.63 1.89 -28.10
CA TRP A 76 11.91 1.49 -28.72
C TRP A 76 11.81 0.05 -29.23
N GLY A 77 12.78 -0.36 -30.04
CA GLY A 77 12.79 -1.63 -30.76
C GLY A 77 13.04 -1.39 -32.24
N GLU A 78 13.63 -2.38 -32.92
CA GLU A 78 13.94 -2.34 -34.37
C GLU A 78 13.00 -3.31 -35.08
N PRO A 79 12.59 -3.03 -36.34
CA PRO A 79 12.77 -1.71 -36.97
C PRO A 79 12.02 -0.57 -36.26
N ARG A 80 12.63 0.62 -36.24
CA ARG A 80 12.12 1.81 -35.49
C ARG A 80 10.68 2.10 -35.93
N TRP A 81 9.78 2.33 -34.96
CA TRP A 81 8.35 2.64 -35.19
C TRP A 81 8.18 4.12 -35.54
N ARG A 82 7.86 4.43 -36.81
CA ARG A 82 7.64 5.82 -37.29
C ARG A 82 6.21 5.96 -37.85
N ILE A 83 5.76 7.21 -37.95
CA ILE A 83 4.37 7.63 -38.24
C ILE A 83 4.41 8.88 -39.13
N GLU A 84 3.70 8.86 -40.27
CA GLU A 84 3.36 10.06 -41.09
C GLU A 84 2.20 10.80 -40.41
N TYR A 85 2.27 12.12 -40.32
CA TYR A 85 1.13 12.97 -39.89
C TYR A 85 1.32 14.41 -40.37
N ALA A 86 0.40 14.85 -41.24
CA ALA A 86 0.29 16.23 -41.71
C ALA A 86 1.66 16.70 -42.26
N GLY A 87 2.32 15.81 -43.02
CA GLY A 87 3.52 16.13 -43.82
C GLY A 87 4.82 15.91 -43.06
N ALA A 88 4.76 15.54 -41.79
CA ALA A 88 5.96 15.26 -40.97
C ALA A 88 5.94 13.78 -40.56
N VAL A 89 7.13 13.20 -40.40
CA VAL A 89 7.31 11.80 -39.91
C VAL A 89 7.79 11.88 -38.47
N TYR A 90 7.14 11.14 -37.58
CA TYR A 90 7.34 11.21 -36.11
C TYR A 90 7.74 9.82 -35.60
N ASP A 91 8.46 9.81 -34.48
CA ASP A 91 8.85 8.59 -33.74
C ASP A 91 8.68 8.87 -32.25
N GLY A 92 8.77 7.82 -31.43
CA GLY A 92 8.74 7.95 -29.97
C GLY A 92 7.45 8.62 -29.52
N TYR A 93 7.51 9.34 -28.40
CA TYR A 93 6.31 9.92 -27.74
C TYR A 93 5.54 10.78 -28.74
N TRP A 94 6.22 11.52 -29.61
CA TRP A 94 5.52 12.43 -30.58
C TRP A 94 4.72 11.61 -31.60
N ALA A 95 5.19 10.41 -31.96
CA ALA A 95 4.43 9.47 -32.83
C ALA A 95 3.14 9.09 -32.11
N LEU A 96 3.20 8.89 -30.80
CA LEU A 96 2.01 8.51 -29.99
C LEU A 96 0.95 9.60 -30.11
N ALA A 97 1.31 10.84 -29.74
CA ALA A 97 0.40 11.99 -29.67
C ALA A 97 -0.19 12.30 -31.05
N ALA A 98 0.65 12.32 -32.09
CA ALA A 98 0.22 12.51 -33.50
C ALA A 98 -0.80 11.43 -33.86
N SER A 99 -0.48 10.16 -33.57
CA SER A 99 -1.36 8.99 -33.84
C SER A 99 -2.76 9.19 -33.22
N LEU A 100 -2.85 9.77 -32.04
CA LEU A 100 -4.16 10.04 -31.36
C LEU A 100 -4.83 11.24 -32.00
N LYS A 101 -4.07 12.30 -32.34
CA LYS A 101 -4.63 13.49 -33.02
C LYS A 101 -5.25 13.04 -34.35
N ARG A 102 -4.49 12.31 -35.18
CA ARG A 102 -4.94 11.76 -36.49
C ARG A 102 -6.25 11.00 -36.29
N ALA A 103 -6.26 10.02 -35.39
CA ALA A 103 -7.40 9.10 -35.15
C ALA A 103 -8.66 9.92 -34.81
N LEU A 104 -8.60 10.73 -33.74
CA LEU A 104 -9.70 11.60 -33.28
C LEU A 104 -10.20 12.50 -34.43
N GLU A 105 -9.26 13.00 -35.25
CA GLU A 105 -9.55 13.90 -36.40
C GLU A 105 -10.21 13.12 -37.54
N GLN A 106 -9.95 11.81 -37.65
CA GLN A 106 -10.65 10.90 -38.61
C GLN A 106 -11.96 10.39 -37.99
N GLY A 107 -12.29 10.82 -36.76
CA GLY A 107 -13.60 10.64 -36.12
C GLY A 107 -13.68 9.40 -35.24
N VAL A 108 -12.54 8.86 -34.79
CA VAL A 108 -12.49 7.68 -33.88
C VAL A 108 -12.72 8.18 -32.46
N PRO A 109 -13.77 7.71 -31.75
CA PRO A 109 -14.14 8.25 -30.44
C PRO A 109 -13.28 7.73 -29.28
N LEU A 110 -12.00 8.12 -29.28
CA LEU A 110 -11.00 7.66 -28.27
C LEU A 110 -11.27 8.36 -26.94
N THR A 111 -12.16 9.34 -26.90
CA THR A 111 -12.59 10.00 -25.63
C THR A 111 -13.86 9.36 -25.09
N ASP A 112 -14.47 8.39 -25.80
CA ASP A 112 -15.72 7.69 -25.39
C ASP A 112 -15.35 6.43 -24.61
N ALA A 113 -15.82 6.32 -23.35
CA ALA A 113 -15.57 5.15 -22.47
C ALA A 113 -16.05 3.88 -23.18
N SER A 114 -17.26 3.89 -23.72
CA SER A 114 -17.96 2.74 -24.36
C SER A 114 -17.10 2.16 -25.47
N TYR A 115 -16.48 3.03 -26.27
CA TYR A 115 -15.61 2.64 -27.41
C TYR A 115 -14.34 1.99 -26.87
N LEU A 116 -13.69 2.67 -25.92
CA LEU A 116 -12.41 2.22 -25.30
C LEU A 116 -12.57 0.83 -24.68
N ALA A 117 -13.65 0.61 -23.92
CA ALA A 117 -13.91 -0.65 -23.20
C ALA A 117 -13.92 -1.84 -24.17
N GLU A 118 -14.32 -1.58 -25.43
CA GLU A 118 -14.59 -2.63 -26.44
C GLU A 118 -13.41 -2.70 -27.43
N ILE A 119 -12.59 -1.64 -27.49
CA ILE A 119 -11.51 -1.47 -28.50
C ILE A 119 -10.70 -2.76 -28.59
N THR A 120 -10.23 -3.10 -29.79
CA THR A 120 -9.60 -4.40 -30.11
C THR A 120 -8.18 -4.19 -30.60
N ARG A 121 -7.41 -5.28 -30.63
CA ARG A 121 -6.04 -5.34 -31.22
C ARG A 121 -6.05 -4.67 -32.60
N ASP A 122 -7.03 -5.00 -33.45
CA ASP A 122 -7.16 -4.50 -34.86
C ASP A 122 -7.27 -2.98 -34.88
N ASP A 123 -8.20 -2.42 -34.08
CA ASP A 123 -8.45 -0.96 -33.95
C ASP A 123 -7.11 -0.24 -33.73
N VAL A 124 -6.36 -0.62 -32.70
CA VAL A 124 -5.16 0.14 -32.23
C VAL A 124 -4.01 -0.12 -33.21
N ALA A 125 -3.92 -1.32 -33.79
CA ALA A 125 -2.95 -1.66 -34.87
C ALA A 125 -3.05 -0.59 -35.96
N THR A 126 -4.28 -0.19 -36.28
CA THR A 126 -4.57 0.80 -37.34
C THR A 126 -4.37 2.22 -36.81
N ILE A 127 -4.88 2.55 -35.62
CA ILE A 127 -4.66 3.89 -34.99
C ILE A 127 -3.16 4.23 -35.06
N PHE A 128 -2.27 3.27 -34.79
CA PHE A 128 -0.80 3.46 -34.68
C PHE A 128 -0.05 2.89 -35.89
N ALA A 129 -0.72 2.69 -37.03
CA ALA A 129 -0.08 2.09 -38.23
C ALA A 129 0.91 3.09 -38.82
N GLY A 130 1.97 2.58 -39.48
CA GLY A 130 3.11 3.36 -40.01
C GLY A 130 4.28 2.45 -40.34
N GLU A 131 5.51 2.99 -40.32
CA GLU A 131 6.75 2.17 -40.43
C GLU A 131 6.86 1.32 -39.16
N GLY A 132 7.37 0.10 -39.28
CA GLY A 132 7.42 -0.90 -38.20
C GLY A 132 6.08 -1.00 -37.48
N GLU A 133 6.10 -1.42 -36.21
CA GLU A 133 4.90 -1.52 -35.33
C GLU A 133 5.24 -1.02 -33.94
N ILE A 134 4.28 -0.36 -33.29
CA ILE A 134 4.41 0.14 -31.89
C ILE A 134 4.61 -1.08 -30.98
N PRO A 135 5.62 -1.06 -30.08
CA PRO A 135 5.81 -2.17 -29.14
C PRO A 135 4.56 -2.42 -28.27
N LEU A 136 4.39 -3.67 -27.82
CA LEU A 136 3.41 -4.07 -26.78
C LEU A 136 2.01 -3.67 -27.25
N LEU A 137 1.76 -3.88 -28.54
CA LEU A 137 0.50 -3.51 -29.23
C LEU A 137 -0.67 -4.07 -28.41
N ASP A 138 -0.63 -5.38 -28.10
CA ASP A 138 -1.68 -6.11 -27.36
C ASP A 138 -1.86 -5.48 -25.96
N GLU A 139 -0.77 -5.16 -25.28
CA GLU A 139 -0.85 -4.66 -23.88
C GLU A 139 -1.54 -3.28 -23.90
N ARG A 140 -1.26 -2.44 -24.90
CA ARG A 140 -1.90 -1.10 -25.04
C ARG A 140 -3.40 -1.27 -25.31
N ALA A 141 -3.77 -2.31 -26.06
CA ALA A 141 -5.19 -2.68 -26.31
C ALA A 141 -5.88 -3.00 -24.99
N ARG A 142 -5.28 -3.91 -24.20
CA ARG A 142 -5.82 -4.36 -22.88
C ARG A 142 -6.00 -3.13 -21.97
N ILE A 143 -4.99 -2.27 -21.90
CA ILE A 143 -4.97 -1.08 -21.00
C ILE A 143 -6.06 -0.08 -21.41
N LEU A 144 -6.26 0.09 -22.72
CA LEU A 144 -7.31 0.99 -23.21
C LEU A 144 -8.69 0.41 -22.86
N ARG A 145 -8.89 -0.91 -23.00
CA ARG A 145 -10.14 -1.58 -22.56
C ARG A 145 -10.30 -1.35 -21.06
N GLU A 146 -9.25 -1.64 -20.29
CA GLU A 146 -9.26 -1.55 -18.81
C GLU A 146 -9.61 -0.09 -18.44
N THR A 147 -9.02 0.89 -19.12
CA THR A 147 -9.23 2.35 -18.86
C THR A 147 -10.71 2.70 -19.09
N GLY A 148 -11.30 2.26 -20.21
CA GLY A 148 -12.69 2.54 -20.61
C GLY A 148 -13.69 1.98 -19.60
N SER A 149 -13.52 0.71 -19.20
CA SER A 149 -14.43 -0.02 -18.26
C SER A 149 -14.49 0.74 -16.94
N VAL A 150 -13.33 1.13 -16.42
CA VAL A 150 -13.19 1.84 -15.12
C VAL A 150 -13.87 3.21 -15.26
N LEU A 151 -13.60 3.93 -16.34
CA LEU A 151 -14.25 5.25 -16.62
C LEU A 151 -15.78 5.07 -16.56
N ALA A 152 -16.32 4.09 -17.29
CA ALA A 152 -17.77 3.78 -17.40
C ALA A 152 -18.35 3.49 -16.01
N GLU A 153 -17.76 2.54 -15.28
CA GLU A 153 -18.27 2.03 -13.99
C GLU A 153 -18.22 3.16 -12.94
N ARG A 154 -17.01 3.69 -12.67
CA ARG A 154 -16.68 4.39 -11.40
C ARG A 154 -16.74 5.91 -11.54
N PHE A 155 -16.75 6.43 -12.78
CA PHE A 155 -16.69 7.90 -13.03
C PHE A 155 -17.67 8.31 -14.13
N ALA A 156 -18.73 7.53 -14.37
CA ALA A 156 -19.83 7.90 -15.29
C ALA A 156 -19.25 8.26 -16.66
N GLY A 157 -18.19 7.57 -17.07
CA GLY A 157 -17.50 7.76 -18.37
C GLY A 157 -16.77 9.09 -18.49
N ARG A 158 -16.59 9.85 -17.39
CA ARG A 158 -16.00 11.22 -17.40
C ARG A 158 -14.82 11.30 -16.44
N PHE A 159 -13.59 11.39 -16.97
CA PHE A 159 -12.40 11.59 -16.10
C PHE A 159 -12.55 12.92 -15.36
N SER A 160 -13.34 13.84 -15.91
CA SER A 160 -13.72 15.12 -15.24
C SER A 160 -14.19 14.85 -13.81
N ASP A 161 -14.91 13.75 -13.57
CA ASP A 161 -15.49 13.45 -12.23
C ASP A 161 -14.36 13.11 -11.26
N ALA A 162 -13.41 12.28 -11.70
CA ALA A 162 -12.20 11.88 -10.95
C ALA A 162 -11.38 13.13 -10.56
N ILE A 163 -11.20 14.04 -11.51
CA ILE A 163 -10.41 15.29 -11.34
C ILE A 163 -11.14 16.19 -10.34
N ALA A 164 -12.45 16.37 -10.52
CA ALA A 164 -13.31 17.15 -9.59
C ALA A 164 -13.08 16.64 -8.16
N ALA A 165 -13.02 15.32 -7.97
CA ALA A 165 -12.89 14.68 -6.65
C ALA A 165 -11.56 15.06 -6.00
N ALA A 166 -10.54 15.44 -6.79
CA ALA A 166 -9.16 15.68 -6.29
C ALA A 166 -9.09 16.99 -5.50
N GLY A 167 -9.96 17.95 -5.81
CA GLY A 167 -10.06 19.24 -5.10
C GLY A 167 -8.79 20.05 -5.27
N ARG A 168 -8.28 20.12 -6.50
CA ARG A 168 -7.10 20.93 -6.89
C ARG A 168 -5.82 20.43 -6.20
N SER A 169 -5.81 19.18 -5.71
CA SER A 169 -4.60 18.49 -5.18
C SER A 169 -4.07 17.52 -6.25
N ALA A 170 -2.92 17.82 -6.83
CA ALA A 170 -2.19 16.94 -7.78
C ALA A 170 -1.99 15.57 -7.13
N VAL A 171 -1.62 15.58 -5.85
CA VAL A 171 -1.22 14.39 -5.05
C VAL A 171 -2.46 13.51 -4.80
N ALA A 172 -3.59 14.12 -4.46
CA ALA A 172 -4.86 13.39 -4.26
C ALA A 172 -5.35 12.79 -5.59
N LEU A 173 -5.09 13.47 -6.73
CA LEU A 173 -5.53 12.95 -8.05
C LEU A 173 -4.72 11.69 -8.37
N VAL A 174 -3.39 11.72 -8.23
CA VAL A 174 -2.53 10.54 -8.52
C VAL A 174 -3.06 9.33 -7.73
N ASP A 175 -3.44 9.56 -6.46
CA ASP A 175 -3.96 8.53 -5.54
C ASP A 175 -5.27 7.97 -6.13
N ILE A 176 -6.20 8.85 -6.49
CA ILE A 176 -7.51 8.48 -7.10
C ILE A 176 -7.28 7.64 -8.35
N VAL A 177 -6.29 8.00 -9.16
CA VAL A 177 -5.97 7.33 -10.45
C VAL A 177 -5.47 5.90 -10.19
N THR A 178 -4.48 5.74 -9.31
CA THR A 178 -3.78 4.44 -9.09
C THR A 178 -4.71 3.50 -8.34
N ASN A 179 -5.57 4.07 -7.48
CA ASN A 179 -6.59 3.30 -6.75
C ASN A 179 -7.56 2.66 -7.75
N ALA A 180 -7.92 3.34 -8.84
CA ALA A 180 -9.02 2.97 -9.75
C ALA A 180 -8.50 2.28 -11.02
N PHE A 181 -7.38 2.74 -11.59
CA PHE A 181 -6.83 2.24 -12.88
C PHE A 181 -5.60 1.37 -12.63
N PRO A 182 -5.73 0.02 -12.65
CA PRO A 182 -4.60 -0.86 -12.35
C PRO A 182 -3.33 -0.62 -13.17
N SER A 183 -3.45 -0.24 -14.44
CA SER A 183 -2.27 -0.05 -15.34
C SER A 183 -1.29 0.95 -14.71
N PHE A 184 -1.78 1.91 -13.91
CA PHE A 184 -1.03 3.09 -13.42
C PHE A 184 -0.31 2.82 -12.10
N ARG A 185 -0.34 1.59 -11.57
CA ARG A 185 0.25 1.26 -10.25
C ARG A 185 1.74 0.96 -10.39
N ASP A 186 2.55 2.01 -10.42
CA ASP A 186 4.01 1.97 -10.70
C ASP A 186 4.77 1.93 -9.38
N VAL A 187 5.01 0.73 -8.84
CA VAL A 187 5.80 0.52 -7.61
C VAL A 187 6.74 -0.65 -7.89
N ALA A 188 7.66 -0.87 -6.96
CA ALA A 188 8.70 -1.92 -7.11
C ALA A 188 9.25 -2.23 -5.73
N THR A 189 10.18 -3.17 -5.67
CA THR A 189 10.95 -3.40 -4.42
C THR A 189 12.47 -3.27 -4.70
N TYR A 190 13.18 -2.98 -3.64
CA TYR A 190 14.64 -2.88 -3.63
C TYR A 190 15.08 -3.40 -2.26
N ARG A 191 15.84 -4.50 -2.26
CA ARG A 191 16.35 -5.12 -1.02
C ARG A 191 15.19 -5.28 -0.03
N GLY A 192 14.02 -5.67 -0.50
CA GLY A 192 12.86 -6.06 0.34
C GLY A 192 12.02 -4.89 0.82
N GLU A 193 12.18 -3.69 0.26
CA GLU A 193 11.40 -2.49 0.63
C GLU A 193 10.60 -2.00 -0.58
N GLN A 194 9.39 -1.52 -0.38
CA GLN A 194 8.61 -0.97 -1.50
C GLN A 194 9.23 0.38 -1.89
N VAL A 195 9.50 0.54 -3.18
CA VAL A 195 9.85 1.83 -3.81
C VAL A 195 8.65 2.27 -4.65
N ARG A 196 8.23 3.52 -4.50
CA ARG A 196 7.05 4.11 -5.19
C ARG A 196 7.52 5.16 -6.21
N PHE A 197 7.06 5.08 -7.46
CA PHE A 197 7.53 5.92 -8.60
C PHE A 197 6.39 6.73 -9.21
N TYR A 198 5.28 6.08 -9.57
CA TYR A 198 4.05 6.72 -10.13
C TYR A 198 4.42 7.65 -11.29
N CYS A 199 5.11 7.09 -12.26
CA CYS A 199 5.59 7.82 -13.46
C CYS A 199 4.40 8.30 -14.28
N ARG A 200 3.66 7.39 -14.93
CA ARG A 200 2.56 7.77 -15.86
C ARG A 200 1.46 8.49 -15.09
N ALA A 201 1.20 8.12 -13.83
CA ALA A 201 0.15 8.76 -13.01
C ALA A 201 0.54 10.22 -12.77
N GLN A 202 1.80 10.48 -12.43
CA GLN A 202 2.29 11.84 -12.07
C GLN A 202 2.33 12.72 -13.32
N ILE A 203 2.80 12.19 -14.46
CA ILE A 203 2.91 13.00 -15.70
C ILE A 203 1.50 13.42 -16.14
N LEU A 204 0.54 12.51 -16.04
CA LEU A 204 -0.90 12.75 -16.33
C LEU A 204 -1.35 14.06 -15.67
N VAL A 205 -1.00 14.27 -14.40
CA VAL A 205 -1.36 15.50 -13.64
C VAL A 205 -0.71 16.71 -14.34
N SER A 206 0.56 16.59 -14.74
CA SER A 206 1.33 17.69 -15.38
C SER A 206 0.72 18.01 -16.76
N ASP A 207 0.21 16.99 -17.46
CA ASP A 207 -0.35 17.16 -18.84
C ASP A 207 -1.67 17.94 -18.74
N LEU A 208 -2.50 17.64 -17.74
CA LEU A 208 -3.77 18.38 -17.45
C LEU A 208 -3.45 19.85 -17.16
N TYR A 209 -2.42 20.13 -16.37
CA TYR A 209 -1.99 21.50 -16.02
C TYR A 209 -1.60 22.25 -17.31
N GLY A 210 -0.94 21.54 -18.23
CA GLY A 210 -0.54 22.06 -19.55
C GLY A 210 -1.73 22.32 -20.45
N ALA A 211 -2.60 21.31 -20.62
CA ALA A 211 -3.72 21.36 -21.58
C ALA A 211 -4.76 22.39 -21.18
N PHE A 212 -4.86 22.75 -19.90
CA PHE A 212 -5.90 23.68 -19.37
C PHE A 212 -5.27 24.98 -18.84
N ASP A 213 -3.99 25.23 -19.12
CA ASP A 213 -3.30 26.49 -18.74
C ASP A 213 -3.47 26.78 -17.24
N GLY A 214 -3.48 25.75 -16.39
CA GLY A 214 -3.55 25.88 -14.92
C GLY A 214 -4.90 26.39 -14.41
N SER A 215 -5.93 26.31 -15.25
CA SER A 215 -7.32 26.74 -14.96
C SER A 215 -8.28 25.56 -15.10
N ASP A 216 -9.47 25.67 -14.48
CA ASP A 216 -10.55 24.66 -14.54
C ASP A 216 -9.98 23.30 -14.12
N LEU A 217 -9.99 22.29 -15.00
CA LEU A 217 -9.66 20.87 -14.65
C LEU A 217 -8.15 20.72 -14.48
N GLY A 218 -7.36 21.65 -15.05
CA GLY A 218 -5.90 21.68 -14.92
C GLY A 218 -5.44 22.56 -13.76
N ALA A 219 -6.35 22.99 -12.88
CA ALA A 219 -6.03 23.82 -11.71
C ALA A 219 -5.53 22.92 -10.57
N PHE A 220 -4.32 23.19 -10.08
CA PHE A 220 -3.65 22.40 -9.02
C PHE A 220 -2.81 23.33 -8.16
N ASP A 221 -2.94 23.20 -6.84
CA ASP A 221 -2.39 24.14 -5.84
C ASP A 221 -1.09 23.58 -5.24
N ASP A 222 -0.66 22.39 -5.66
CA ASP A 222 0.46 21.65 -4.99
C ASP A 222 1.34 20.93 -6.03
N LEU A 223 1.58 21.53 -7.20
CA LEU A 223 2.42 20.92 -8.27
C LEU A 223 3.86 20.72 -7.77
N GLY A 224 4.28 21.50 -6.77
CA GLY A 224 5.58 21.36 -6.09
C GLY A 224 5.76 19.96 -5.52
N GLU A 225 4.68 19.21 -5.30
CA GLU A 225 4.72 17.88 -4.66
C GLU A 225 5.03 16.79 -5.69
N LEU A 226 4.75 17.01 -6.98
CA LEU A 226 5.12 16.04 -8.05
C LEU A 226 6.64 15.85 -8.03
N THR A 227 7.08 14.64 -8.36
CA THR A 227 8.50 14.36 -8.68
C THR A 227 8.68 14.31 -10.19
N ALA A 228 9.93 14.12 -10.60
CA ALA A 228 10.30 13.72 -11.96
C ALA A 228 9.53 12.44 -12.30
N PHE A 229 9.35 12.23 -13.59
CA PHE A 229 8.66 11.07 -14.19
C PHE A 229 9.74 10.10 -14.64
N ALA A 230 10.08 9.14 -13.80
CA ALA A 230 11.24 8.24 -13.96
C ALA A 230 10.94 7.23 -15.09
N ASP A 231 11.28 7.56 -16.34
CA ASP A 231 11.34 6.56 -17.44
C ASP A 231 12.79 6.51 -17.96
N TYR A 232 13.02 6.50 -19.27
CA TYR A 232 14.37 6.18 -19.82
C TYR A 232 15.04 7.41 -20.46
N LYS A 233 14.30 8.46 -20.83
CA LYS A 233 14.96 9.62 -21.51
C LYS A 233 15.69 10.47 -20.48
N VAL A 234 15.06 10.82 -19.38
CA VAL A 234 15.62 11.79 -18.40
C VAL A 234 16.94 11.25 -17.82
N PRO A 235 17.04 9.98 -17.36
CA PRO A 235 18.35 9.45 -16.96
C PRO A 235 19.41 9.46 -18.06
N GLN A 236 19.02 9.28 -19.32
CA GLN A 236 19.97 9.34 -20.46
C GLN A 236 20.58 10.74 -20.53
N VAL A 237 19.78 11.77 -20.27
CA VAL A 237 20.19 13.21 -20.28
C VAL A 237 21.07 13.48 -19.06
N LEU A 238 20.64 13.04 -17.88
CA LEU A 238 21.39 13.24 -16.61
C LEU A 238 22.77 12.59 -16.70
N HIS A 239 22.88 11.44 -17.38
CA HIS A 239 24.18 10.77 -17.62
C HIS A 239 25.01 11.64 -18.55
N HIS A 240 24.39 12.10 -19.65
CA HIS A 240 25.03 12.98 -20.64
C HIS A 240 25.55 14.23 -19.95
N LEU A 241 24.80 14.80 -19.00
CA LEU A 241 25.20 16.03 -18.29
C LEU A 241 26.18 15.73 -17.16
N GLY A 242 26.50 14.45 -16.91
CA GLY A 242 27.52 14.02 -15.93
C GLY A 242 26.97 13.87 -14.52
N ILE A 243 25.67 14.10 -14.34
CA ILE A 243 24.98 14.07 -13.01
C ILE A 243 24.77 12.62 -12.56
N LEU A 244 24.53 11.69 -13.48
CA LEU A 244 24.40 10.25 -13.15
C LEU A 244 25.64 9.53 -13.65
N ARG A 245 26.24 8.74 -12.77
CA ARG A 245 27.37 7.87 -13.12
C ARG A 245 26.89 6.42 -13.00
N TYR A 246 27.25 5.59 -13.98
CA TYR A 246 26.98 4.14 -14.00
C TYR A 246 28.28 3.38 -13.77
N ALA A 247 28.24 2.37 -12.89
CA ALA A 247 29.34 1.43 -12.62
C ALA A 247 29.59 0.60 -13.89
N PRO A 248 30.74 -0.12 -13.99
CA PRO A 248 31.14 -0.80 -15.24
C PRO A 248 30.13 -1.76 -15.90
N ALA A 249 29.64 -2.78 -15.18
CA ALA A 249 28.74 -3.81 -15.77
C ALA A 249 27.50 -3.14 -16.35
N LEU A 250 26.90 -2.17 -15.63
CA LEU A 250 25.67 -1.47 -16.07
C LEU A 250 25.96 -0.54 -17.26
N HIS A 251 27.10 0.15 -17.24
CA HIS A 251 27.54 1.02 -18.35
C HIS A 251 27.62 0.18 -19.63
N ASP A 252 28.15 -1.04 -19.52
CA ASP A 252 28.36 -1.94 -20.70
C ASP A 252 27.00 -2.43 -21.18
N ARG A 253 26.11 -2.89 -20.29
CA ARG A 253 24.74 -3.32 -20.65
C ARG A 253 24.10 -2.23 -21.51
N LEU A 254 24.08 -1.00 -21.01
CA LEU A 254 23.44 0.15 -21.71
C LEU A 254 24.09 0.38 -23.07
N ALA A 255 25.43 0.30 -23.14
CA ALA A 255 26.19 0.55 -24.38
C ALA A 255 25.92 -0.58 -25.38
N ARG A 256 25.76 -1.81 -24.89
CA ARG A 256 25.49 -3.00 -25.75
C ARG A 256 23.99 -3.07 -26.10
N ARG A 257 23.16 -2.18 -25.54
CA ARG A 257 21.68 -2.13 -25.77
C ARG A 257 21.06 -3.44 -25.30
N GLU A 258 21.55 -3.96 -24.18
CA GLU A 258 21.02 -5.18 -23.52
C GLU A 258 19.81 -4.79 -22.65
N GLU A 259 18.73 -5.55 -22.77
CA GLU A 259 17.47 -5.29 -22.05
C GLU A 259 17.72 -5.54 -20.56
N ILE A 260 17.07 -4.76 -19.71
CA ILE A 260 17.23 -4.78 -18.25
C ILE A 260 15.88 -5.15 -17.64
N PRO A 261 15.78 -6.32 -16.98
CA PRO A 261 14.51 -6.79 -16.43
C PRO A 261 13.88 -5.73 -15.50
N ALA A 262 12.60 -5.44 -15.67
CA ALA A 262 11.84 -4.47 -14.85
C ALA A 262 11.82 -4.93 -13.39
N GLY A 263 11.93 -3.98 -12.46
CA GLY A 263 11.96 -4.25 -11.01
C GLY A 263 13.25 -4.92 -10.54
N SER A 264 14.26 -5.09 -11.40
CA SER A 264 15.60 -5.58 -11.00
C SER A 264 16.37 -4.44 -10.30
N PRO A 265 17.30 -4.74 -9.37
CA PRO A 265 18.00 -3.69 -8.62
C PRO A 265 18.55 -2.57 -9.51
N GLU A 266 19.19 -2.94 -10.63
CA GLU A 266 19.89 -1.99 -11.53
C GLU A 266 18.86 -1.02 -12.11
N GLU A 267 17.71 -1.55 -12.54
CA GLU A 267 16.59 -0.77 -13.11
C GLU A 267 16.02 0.17 -12.04
N VAL A 268 15.77 -0.33 -10.83
CA VAL A 268 15.20 0.48 -9.73
C VAL A 268 16.22 1.56 -9.36
N GLU A 269 17.52 1.25 -9.42
CA GLU A 269 18.60 2.22 -9.07
C GLU A 269 18.54 3.38 -10.07
N ILE A 270 18.41 3.10 -11.37
CA ILE A 270 18.39 4.14 -12.42
C ILE A 270 17.19 5.06 -12.20
N ARG A 271 16.03 4.50 -11.88
CA ARG A 271 14.78 5.29 -11.74
C ARG A 271 14.85 6.13 -10.47
N ALA A 272 15.32 5.54 -9.37
CA ALA A 272 15.44 6.21 -8.06
C ALA A 272 16.44 7.37 -8.18
N ALA A 273 17.56 7.14 -8.87
CA ALA A 273 18.62 8.13 -9.10
C ALA A 273 18.11 9.26 -10.02
N THR A 274 17.23 8.94 -10.96
CA THR A 274 16.57 9.93 -11.86
C THR A 274 15.70 10.87 -11.02
N ILE A 275 14.95 10.33 -10.07
CA ILE A 275 14.07 11.16 -9.20
C ILE A 275 14.94 12.15 -8.43
N TRP A 276 16.03 11.66 -7.83
CA TRP A 276 16.89 12.44 -6.91
C TRP A 276 17.87 13.29 -7.71
N GLY A 277 18.35 12.79 -8.85
CA GLY A 277 19.10 13.59 -9.83
C GLY A 277 18.36 14.87 -10.15
N VAL A 278 17.08 14.77 -10.50
CA VAL A 278 16.23 15.94 -10.81
C VAL A 278 16.03 16.80 -9.56
N GLU A 279 15.82 16.19 -8.39
CA GLU A 279 15.54 16.93 -7.15
C GLU A 279 16.79 17.70 -6.70
N GLU A 280 17.97 17.09 -6.79
CA GLU A 280 19.25 17.73 -6.40
C GLU A 280 19.49 18.91 -7.36
N LEU A 281 19.13 18.75 -8.64
CA LEU A 281 19.28 19.84 -9.64
C LEU A 281 18.29 20.97 -9.32
N ARG A 282 17.07 20.64 -8.89
CA ARG A 282 16.06 21.66 -8.52
C ARG A 282 16.58 22.49 -7.35
N ARG A 283 17.09 21.82 -6.29
CA ARG A 283 17.61 22.46 -5.04
C ARG A 283 18.76 23.42 -5.37
N ALA A 284 19.67 22.99 -6.24
CA ALA A 284 20.92 23.69 -6.63
C ALA A 284 20.60 24.91 -7.51
N LEU A 285 19.63 24.76 -8.43
CA LEU A 285 19.06 25.87 -9.22
C LEU A 285 18.41 26.88 -8.27
N ALA A 286 17.67 26.42 -7.26
CA ALA A 286 16.95 27.27 -6.30
C ALA A 286 17.97 28.08 -5.48
N SER A 287 19.05 27.42 -5.07
CA SER A 287 20.18 28.00 -4.30
C SER A 287 20.81 29.16 -5.09
N ARG A 288 20.80 29.06 -6.42
CA ARG A 288 21.39 30.08 -7.32
C ARG A 288 20.27 30.95 -7.90
N GLY A 289 19.19 31.16 -7.12
CA GLY A 289 18.13 32.16 -7.37
C GLY A 289 17.25 31.83 -8.56
N HIS A 290 17.20 30.57 -9.00
CA HIS A 290 16.31 30.09 -10.09
C HIS A 290 15.36 29.01 -9.55
N ALA A 291 14.18 29.42 -9.07
CA ALA A 291 13.16 28.54 -8.44
C ALA A 291 12.30 27.89 -9.53
N LEU A 292 12.45 26.57 -9.72
CA LEU A 292 11.55 25.74 -10.56
C LEU A 292 10.97 24.63 -9.70
N ASP A 293 9.79 24.12 -10.08
CA ASP A 293 9.17 22.88 -9.55
C ASP A 293 9.88 21.68 -10.20
N ALA A 294 9.90 20.54 -9.52
CA ALA A 294 10.57 19.30 -9.97
C ALA A 294 10.06 18.90 -11.37
N TYR A 295 8.76 18.99 -11.63
CA TYR A 295 8.18 18.56 -12.91
C TYR A 295 8.73 19.46 -14.02
N GLN A 296 8.96 20.74 -13.71
CA GLN A 296 9.57 21.73 -14.65
C GLN A 296 11.02 21.34 -14.99
N VAL A 297 11.84 20.97 -14.00
CA VAL A 297 13.25 20.52 -14.25
C VAL A 297 13.20 19.27 -15.12
N ASP A 298 12.23 18.38 -14.89
CA ASP A 298 12.05 17.12 -15.67
C ASP A 298 11.67 17.47 -17.12
N TRP A 299 10.71 18.38 -17.29
CA TRP A 299 10.20 18.85 -18.61
C TRP A 299 11.36 19.41 -19.44
N LEU A 300 12.18 20.20 -18.75
CA LEU A 300 13.38 20.89 -19.27
C LEU A 300 14.43 19.87 -19.71
N LEU A 301 14.63 18.81 -18.92
CA LEU A 301 15.62 17.74 -19.23
C LEU A 301 15.09 16.86 -20.36
N TRP A 302 13.85 16.36 -20.27
CA TRP A 302 13.25 15.56 -21.36
C TRP A 302 13.38 16.33 -22.67
N ASP A 303 13.23 17.66 -22.60
CA ASP A 303 13.36 18.58 -23.76
C ASP A 303 14.78 18.42 -24.36
N GLU A 304 15.82 18.54 -23.54
CA GLU A 304 17.25 18.39 -23.98
C GLU A 304 17.46 17.03 -24.64
N GLY A 305 16.72 15.99 -24.18
CA GLY A 305 16.83 14.60 -24.65
C GLY A 305 16.50 14.42 -26.12
N GLN A 306 15.75 15.37 -26.69
CA GLN A 306 15.32 15.34 -28.12
C GLN A 306 16.52 15.61 -29.04
N ARG A 307 17.60 16.21 -28.54
CA ARG A 307 18.73 16.70 -29.39
C ARG A 307 20.06 16.48 -28.67
N LEU A 308 20.30 15.26 -28.21
CA LEU A 308 21.63 14.81 -27.70
C LEU A 308 22.54 14.57 -28.90
N PRO A 309 23.86 14.76 -28.75
CA PRO A 309 24.80 14.42 -29.82
C PRO A 309 24.82 12.91 -30.03
N ALA A 310 24.95 12.45 -31.27
CA ALA A 310 25.13 11.02 -31.61
C ALA A 310 26.39 10.52 -30.89
N GLY A 311 26.34 9.30 -30.33
CA GLY A 311 27.44 8.69 -29.58
C GLY A 311 27.31 8.94 -28.08
N THR A 312 26.21 9.54 -27.63
CA THR A 312 25.81 9.54 -26.19
C THR A 312 25.52 8.10 -25.78
N LEU A 313 25.69 7.76 -24.50
CA LEU A 313 25.33 6.40 -24.03
C LEU A 313 23.86 6.17 -24.32
N PRO A 314 23.51 5.07 -25.00
CA PRO A 314 22.10 4.70 -25.23
C PRO A 314 21.29 4.70 -23.94
N TYR A 315 19.98 5.00 -24.07
CA TYR A 315 19.00 4.89 -22.95
C TYR A 315 18.85 3.41 -22.59
N HIS A 316 18.55 3.13 -21.32
CA HIS A 316 18.32 1.77 -20.79
C HIS A 316 17.02 1.24 -21.40
N ARG A 317 17.02 -0.05 -21.76
CA ARG A 317 15.89 -0.70 -22.47
C ARG A 317 15.23 -1.70 -21.51
N THR A 318 14.00 -1.41 -21.07
CA THR A 318 13.22 -2.21 -20.10
C THR A 318 11.86 -2.56 -20.70
N ARG A 319 11.56 -3.85 -20.90
CA ARG A 319 10.21 -4.27 -21.38
C ARG A 319 9.23 -4.10 -20.20
N THR A 320 8.62 -2.91 -20.15
CA THR A 320 7.55 -2.48 -19.20
C THR A 320 6.57 -3.64 -19.00
N ILE A 321 6.29 -4.00 -17.74
CA ILE A 321 5.39 -5.14 -17.38
C ILE A 321 4.23 -4.63 -16.51
N PHE A 322 3.06 -5.24 -16.68
CA PHE A 322 1.81 -5.03 -15.89
C PHE A 322 0.85 -6.21 -16.10
N TYR A 323 1.37 -7.31 -16.67
CA TYR A 323 0.62 -8.52 -17.12
C TYR A 323 -0.15 -9.12 -15.95
N LEU A 324 -1.20 -8.42 -15.52
CA LEU A 324 -2.02 -8.69 -14.31
C LEU A 324 -3.40 -8.05 -14.49
N GLU A 325 -4.25 -8.14 -13.46
CA GLU A 325 -5.65 -7.62 -13.39
C GLU A 325 -6.63 -8.72 -13.81
N HIS A 326 -6.43 -9.97 -13.35
CA HIS A 326 -7.23 -11.16 -13.76
C HIS A 326 -8.04 -11.68 -12.58
N ASP B 6 5.41 -18.02 6.92
CA ASP B 6 6.08 -19.37 7.13
C ASP B 6 4.99 -20.45 7.30
N ARG B 7 5.08 -21.34 8.29
CA ARG B 7 4.31 -22.63 8.31
C ARG B 7 2.81 -22.38 8.17
N LEU B 8 2.29 -21.25 8.66
CA LEU B 8 0.88 -20.83 8.48
C LEU B 8 0.74 -19.92 7.25
N GLY B 9 1.85 -19.41 6.71
CA GLY B 9 1.90 -18.66 5.45
C GLY B 9 1.37 -17.25 5.61
N VAL B 10 1.43 -16.69 6.82
CA VAL B 10 0.94 -15.32 7.11
C VAL B 10 1.96 -14.31 6.57
N LEU B 11 3.24 -14.41 6.96
CA LEU B 11 4.33 -13.52 6.47
C LEU B 11 4.42 -13.61 4.94
N THR B 12 4.55 -14.82 4.41
CA THR B 12 4.72 -15.08 2.96
C THR B 12 3.61 -14.39 2.16
N THR B 13 2.33 -14.57 2.53
CA THR B 13 1.19 -14.07 1.72
C THR B 13 1.01 -12.57 1.96
N THR B 14 1.20 -12.08 3.19
CA THR B 14 1.07 -10.63 3.46
C THR B 14 2.18 -9.83 2.78
N ARG B 15 3.39 -10.39 2.62
N ARG B 15 3.37 -10.41 2.61
CA ARG B 15 4.52 -9.70 1.95
CA ARG B 15 4.53 -9.73 1.96
C ARG B 15 4.12 -9.37 0.51
C ARG B 15 4.13 -9.39 0.51
N ARG B 16 3.41 -10.29 -0.17
CA ARG B 16 2.90 -10.06 -1.56
C ARG B 16 2.00 -8.82 -1.60
N VAL B 17 1.25 -8.55 -0.54
CA VAL B 17 0.35 -7.36 -0.46
C VAL B 17 1.21 -6.10 -0.29
N VAL B 18 2.14 -6.12 0.67
CA VAL B 18 2.97 -4.93 1.00
C VAL B 18 3.75 -4.50 -0.25
N GLU B 19 4.18 -5.46 -1.07
CA GLU B 19 4.99 -5.18 -2.28
C GLU B 19 4.14 -4.44 -3.34
N GLN B 20 2.85 -4.77 -3.50
CA GLN B 20 1.97 -4.17 -4.54
C GLN B 20 1.13 -3.01 -3.96
N ALA B 21 1.21 -2.74 -2.65
CA ALA B 21 0.21 -1.92 -1.92
C ALA B 21 0.20 -0.48 -2.44
N GLN B 22 -0.98 0.13 -2.57
CA GLN B 22 -1.13 1.48 -3.16
C GLN B 22 -1.44 2.52 -2.08
N ALA B 23 -2.26 2.18 -1.08
CA ALA B 23 -2.81 3.14 -0.10
C ALA B 23 -1.97 3.15 1.19
N VAL B 24 -1.08 2.17 1.37
CA VAL B 24 -0.25 2.01 2.58
C VAL B 24 1.16 1.58 2.19
N TRP B 25 2.17 2.26 2.74
N TRP B 25 2.16 2.24 2.77
CA TRP B 25 3.59 1.86 2.62
CA TRP B 25 3.59 1.87 2.61
C TRP B 25 4.27 1.96 3.99
C TRP B 25 4.29 2.00 3.97
N ILE B 26 5.41 1.29 4.11
CA ILE B 26 6.26 1.31 5.33
C ILE B 26 7.39 2.32 5.10
N ASP B 27 7.55 3.28 6.00
CA ASP B 27 8.73 4.19 6.05
C ASP B 27 9.81 3.47 6.86
N HIS B 28 10.83 2.94 6.17
CA HIS B 28 11.93 2.14 6.78
C HIS B 28 12.91 3.04 7.53
N ASP B 29 13.00 4.33 7.18
CA ASP B 29 13.82 5.32 7.94
CA ASP B 29 13.81 5.33 7.94
C ASP B 29 13.25 5.40 9.37
N ALA B 30 11.92 5.49 9.49
CA ALA B 30 11.20 5.61 10.78
C ALA B 30 11.36 4.32 11.60
N VAL B 31 11.36 3.17 10.93
CA VAL B 31 11.61 1.85 11.57
C VAL B 31 13.01 1.88 12.21
N ALA B 32 14.03 2.26 11.46
CA ALA B 32 15.40 2.47 11.99
C ALA B 32 15.35 3.40 13.23
N GLN B 33 14.67 4.54 13.14
CA GLN B 33 14.65 5.55 14.23
C GLN B 33 13.96 4.99 15.48
N ILE B 34 12.79 4.36 15.30
CA ILE B 34 11.98 3.83 16.44
C ILE B 34 12.74 2.68 17.10
N ALA B 35 13.42 1.86 16.30
CA ALA B 35 14.18 0.68 16.78
C ALA B 35 15.32 1.16 17.67
N GLU B 36 16.01 2.23 17.27
CA GLU B 36 17.21 2.78 17.96
C GLU B 36 16.80 3.21 19.38
N ALA B 37 15.72 3.98 19.50
CA ALA B 37 15.12 4.44 20.78
C ALA B 37 14.73 3.24 21.65
N PHE B 38 13.87 2.36 21.13
CA PHE B 38 13.28 1.19 21.86
C PHE B 38 14.42 0.32 22.41
N ALA B 39 15.43 0.02 21.60
CA ALA B 39 16.58 -0.83 21.98
C ALA B 39 17.34 -0.18 23.15
N ALA B 40 17.52 1.13 23.07
CA ALA B 40 18.25 1.95 24.07
C ALA B 40 17.48 1.97 25.40
N ARG B 41 16.14 1.99 25.34
CA ARG B 41 15.26 2.02 26.55
C ARG B 41 15.15 0.62 27.17
N GLN B 42 15.83 -0.38 26.60
CA GLN B 42 15.79 -1.81 27.03
C GLN B 42 14.33 -2.26 27.07
N VAL B 43 13.60 -1.85 26.02
CA VAL B 43 12.12 -1.88 25.98
C VAL B 43 11.68 -3.29 26.39
N THR B 44 10.79 -3.34 27.38
CA THR B 44 10.38 -4.55 28.11
C THR B 44 8.92 -4.78 27.76
N PRO B 45 8.53 -5.94 27.19
CA PRO B 45 7.16 -6.15 26.74
C PRO B 45 6.29 -6.40 27.96
N PRO B 46 5.00 -6.03 27.95
CA PRO B 46 4.16 -6.20 29.13
C PRO B 46 4.07 -7.69 29.48
N THR B 47 3.67 -8.00 30.70
CA THR B 47 3.25 -9.37 31.08
C THR B 47 1.72 -9.45 31.07
N TRP B 48 1.21 -10.66 30.89
CA TRP B 48 -0.23 -10.92 30.77
C TRP B 48 -0.91 -10.55 32.09
N ASN B 49 -1.80 -9.57 32.02
CA ASN B 49 -2.52 -9.00 33.20
C ASN B 49 -3.44 -10.07 33.80
N ARG B 50 -2.96 -10.80 34.80
CA ARG B 50 -3.70 -11.90 35.47
C ARG B 50 -4.83 -11.31 36.34
N GLU B 51 -4.79 -10.01 36.68
CA GLU B 51 -5.81 -9.35 37.55
C GLU B 51 -7.16 -9.33 36.85
N LEU B 52 -7.28 -8.57 35.76
CA LEU B 52 -8.58 -8.15 35.15
C LEU B 52 -9.15 -9.30 34.32
N HIS B 53 -8.34 -10.32 34.04
CA HIS B 53 -8.78 -11.63 33.48
C HIS B 53 -9.19 -12.56 34.62
N TRP B 54 -10.19 -13.40 34.36
CA TRP B 54 -10.71 -14.44 35.29
C TRP B 54 -9.68 -15.56 35.39
N SER B 55 -9.76 -16.35 36.46
CA SER B 55 -8.85 -17.50 36.70
C SER B 55 -9.52 -18.54 37.60
N ASP B 56 -9.24 -19.82 37.35
CA ASP B 56 -9.75 -21.00 38.11
C ASP B 56 -8.95 -22.24 37.65
N GLY B 57 -9.58 -23.41 37.61
CA GLY B 57 -8.96 -24.68 37.21
C GLY B 57 -8.41 -24.64 35.79
N ARG B 58 -7.44 -25.51 35.50
CA ARG B 58 -6.73 -25.56 34.20
C ARG B 58 -7.74 -25.80 33.07
N GLU B 59 -8.68 -26.74 33.26
CA GLU B 59 -9.65 -27.17 32.22
C GLU B 59 -10.54 -25.97 31.87
N ALA B 60 -11.07 -25.28 32.89
CA ALA B 60 -11.97 -24.11 32.76
C ALA B 60 -11.20 -22.89 32.22
N LEU B 61 -9.94 -22.71 32.61
CA LEU B 61 -9.13 -21.56 32.13
C LEU B 61 -8.93 -21.66 30.62
N ALA B 62 -8.60 -22.86 30.11
CA ALA B 62 -8.44 -23.11 28.65
C ALA B 62 -9.74 -22.74 27.92
N ASN B 63 -10.89 -23.12 28.49
CA ASN B 63 -12.21 -22.83 27.88
C ASN B 63 -12.47 -21.31 27.92
N TYR B 64 -12.14 -20.66 29.04
CA TYR B 64 -12.28 -19.19 29.18
C TYR B 64 -11.53 -18.47 28.05
N ILE B 65 -10.28 -18.88 27.80
CA ILE B 65 -9.37 -18.23 26.82
C ILE B 65 -9.92 -18.43 25.41
N LEU B 66 -10.52 -19.59 25.12
CA LEU B 66 -11.15 -19.87 23.81
C LEU B 66 -12.34 -18.92 23.61
N VAL B 67 -13.19 -18.79 24.62
CA VAL B 67 -14.40 -17.92 24.61
C VAL B 67 -13.95 -16.48 24.42
N LEU B 68 -13.05 -16.03 25.29
CA LEU B 68 -12.47 -14.65 25.25
C LEU B 68 -12.14 -14.26 23.81
N ASP B 69 -11.42 -15.12 23.09
CA ASP B 69 -10.86 -14.76 21.78
C ASP B 69 -11.87 -15.06 20.67
N ALA B 70 -12.84 -15.96 20.91
CA ALA B 70 -13.95 -16.22 19.97
C ALA B 70 -14.74 -14.93 19.72
N VAL B 71 -14.87 -14.05 20.74
CA VAL B 71 -15.66 -12.79 20.64
C VAL B 71 -14.76 -11.55 20.73
N ASN B 72 -13.44 -11.72 20.66
CA ASN B 72 -12.46 -10.59 20.75
C ASN B 72 -12.41 -9.86 19.41
N PHE B 73 -13.41 -9.01 19.15
CA PHE B 73 -13.48 -8.20 17.91
C PHE B 73 -14.45 -7.03 18.06
N CYS B 74 -14.21 -6.01 17.24
CA CYS B 74 -15.13 -4.90 16.87
C CYS B 74 -15.91 -4.34 18.07
N PHE B 75 -15.33 -3.34 18.76
CA PHE B 75 -15.91 -2.66 19.94
C PHE B 75 -16.27 -1.20 19.64
N TRP B 76 -16.02 -0.72 18.41
CA TRP B 76 -16.26 0.70 18.04
C TRP B 76 -17.69 0.87 17.52
N GLY B 77 -18.15 2.13 17.53
CA GLY B 77 -19.54 2.53 17.26
C GLY B 77 -20.03 3.52 18.31
N GLU B 78 -21.00 4.36 17.94
CA GLU B 78 -21.55 5.40 18.85
C GLU B 78 -23.04 5.11 19.09
N PRO B 79 -23.53 5.19 20.35
CA PRO B 79 -22.73 5.63 21.49
C PRO B 79 -21.78 4.54 22.01
N ARG B 80 -20.56 4.94 22.36
CA ARG B 80 -19.47 4.02 22.77
C ARG B 80 -20.02 3.04 23.80
N TRP B 81 -19.84 1.75 23.53
CA TRP B 81 -20.11 0.66 24.50
C TRP B 81 -19.13 0.76 25.66
N ARG B 82 -19.65 0.85 26.89
CA ARG B 82 -18.84 0.97 28.12
C ARG B 82 -19.55 0.19 29.22
N ILE B 83 -18.81 -0.44 30.13
CA ILE B 83 -19.38 -1.26 31.23
C ILE B 83 -18.69 -0.88 32.55
N GLU B 84 -19.44 -0.89 33.65
CA GLU B 84 -18.93 -0.71 35.03
C GLU B 84 -18.56 -2.08 35.59
N TYR B 85 -17.37 -2.21 36.16
CA TYR B 85 -16.92 -3.40 36.92
C TYR B 85 -16.01 -2.96 38.07
N ALA B 86 -16.27 -3.48 39.27
CA ALA B 86 -15.53 -3.15 40.50
C ALA B 86 -15.29 -1.64 40.59
N GLY B 87 -16.32 -0.84 40.31
CA GLY B 87 -16.32 0.62 40.51
C GLY B 87 -15.63 1.40 39.41
N ALA B 88 -15.06 0.74 38.39
CA ALA B 88 -14.35 1.42 37.27
C ALA B 88 -15.12 1.23 35.97
N VAL B 89 -14.89 2.13 35.01
CA VAL B 89 -15.54 2.13 33.67
C VAL B 89 -14.51 1.65 32.64
N TYR B 90 -14.91 0.68 31.83
CA TYR B 90 -14.07 0.08 30.76
C TYR B 90 -14.77 0.28 29.42
N ASP B 91 -13.99 0.46 28.38
CA ASP B 91 -14.49 0.40 26.98
C ASP B 91 -13.64 -0.62 26.25
N GLY B 92 -13.95 -0.87 24.98
CA GLY B 92 -13.14 -1.73 24.10
C GLY B 92 -12.77 -3.06 24.74
N TYR B 93 -11.54 -3.50 24.53
CA TYR B 93 -11.11 -4.87 24.88
C TYR B 93 -11.35 -5.14 26.37
N TRP B 94 -10.96 -4.22 27.25
CA TRP B 94 -11.00 -4.48 28.71
C TRP B 94 -12.45 -4.55 29.20
N ALA B 95 -13.40 -3.99 28.45
CA ALA B 95 -14.85 -4.11 28.73
C ALA B 95 -15.33 -5.52 28.37
N LEU B 96 -14.75 -6.14 27.34
CA LEU B 96 -15.01 -7.56 27.02
C LEU B 96 -14.53 -8.41 28.20
N ALA B 97 -13.27 -8.26 28.59
CA ALA B 97 -12.64 -9.07 29.67
C ALA B 97 -13.44 -8.89 30.95
N ALA B 98 -13.69 -7.65 31.36
CA ALA B 98 -14.45 -7.32 32.59
C ALA B 98 -15.84 -7.99 32.51
N SER B 99 -16.54 -7.84 31.39
CA SER B 99 -17.90 -8.39 31.19
C SER B 99 -17.92 -9.89 31.48
N LEU B 100 -16.98 -10.64 30.89
CA LEU B 100 -16.82 -12.10 31.09
C LEU B 100 -16.50 -12.39 32.55
N LYS B 101 -15.54 -11.66 33.13
CA LYS B 101 -15.11 -11.85 34.54
C LYS B 101 -16.33 -11.68 35.45
N ARG B 102 -17.05 -10.57 35.29
CA ARG B 102 -18.28 -10.24 36.08
C ARG B 102 -19.30 -11.37 35.97
N ALA B 103 -19.46 -11.96 34.78
CA ALA B 103 -20.48 -12.98 34.44
C ALA B 103 -20.10 -14.33 35.08
N LEU B 104 -18.85 -14.77 34.89
CA LEU B 104 -18.29 -15.97 35.54
C LEU B 104 -18.55 -15.88 37.05
N GLU B 105 -18.30 -14.70 37.62
CA GLU B 105 -18.27 -14.45 39.10
C GLU B 105 -19.68 -14.49 39.68
N GLN B 106 -20.70 -14.08 38.93
CA GLN B 106 -22.13 -14.25 39.34
C GLN B 106 -22.63 -15.64 38.93
N GLY B 107 -21.71 -16.53 38.57
CA GLY B 107 -21.94 -17.98 38.39
C GLY B 107 -22.53 -18.34 37.04
N VAL B 108 -22.32 -17.53 35.99
CA VAL B 108 -22.78 -17.88 34.60
C VAL B 108 -21.80 -18.92 34.04
N PRO B 109 -22.27 -20.12 33.63
CA PRO B 109 -21.37 -21.21 33.24
C PRO B 109 -20.74 -21.04 31.83
N LEU B 110 -19.95 -19.99 31.65
CA LEU B 110 -19.42 -19.55 30.32
C LEU B 110 -18.29 -20.47 29.85
N THR B 111 -17.70 -21.29 30.73
CA THR B 111 -16.62 -22.24 30.35
C THR B 111 -17.20 -23.64 30.09
N ASP B 112 -18.53 -23.81 30.22
CA ASP B 112 -19.25 -25.09 29.97
C ASP B 112 -19.70 -25.12 28.50
N ALA B 113 -19.21 -26.09 27.72
CA ALA B 113 -19.59 -26.31 26.30
C ALA B 113 -21.11 -26.45 26.16
N SER B 114 -21.77 -27.08 27.12
CA SER B 114 -23.22 -27.35 27.09
C SER B 114 -23.98 -26.02 27.09
N TYR B 115 -23.65 -25.13 28.03
CA TYR B 115 -24.30 -23.80 28.17
C TYR B 115 -24.04 -22.97 26.91
N LEU B 116 -22.79 -23.00 26.42
CA LEU B 116 -22.34 -22.17 25.27
C LEU B 116 -23.12 -22.58 24.02
N ALA B 117 -23.24 -23.88 23.76
CA ALA B 117 -23.98 -24.42 22.60
C ALA B 117 -25.36 -23.77 22.51
N GLU B 118 -26.03 -23.56 23.64
CA GLU B 118 -27.45 -23.12 23.75
C GLU B 118 -27.58 -21.60 23.88
N ILE B 119 -26.53 -20.91 24.31
CA ILE B 119 -26.58 -19.48 24.77
C ILE B 119 -27.48 -18.67 23.82
N THR B 120 -28.34 -17.83 24.39
CA THR B 120 -29.36 -17.01 23.66
C THR B 120 -28.86 -15.56 23.59
N ARG B 121 -29.39 -14.78 22.66
CA ARG B 121 -28.97 -13.36 22.47
C ARG B 121 -29.33 -12.59 23.76
N ASP B 122 -30.48 -12.94 24.36
CA ASP B 122 -30.95 -12.48 25.70
C ASP B 122 -29.81 -12.63 26.72
N ASP B 123 -29.22 -13.82 26.83
CA ASP B 123 -28.12 -14.10 27.80
C ASP B 123 -26.91 -13.22 27.50
N VAL B 124 -26.58 -13.06 26.21
CA VAL B 124 -25.39 -12.29 25.74
C VAL B 124 -25.60 -10.81 26.08
N ALA B 125 -26.77 -10.26 25.75
CA ALA B 125 -27.14 -8.84 26.00
C ALA B 125 -26.97 -8.50 27.48
N THR B 126 -27.25 -9.45 28.37
CA THR B 126 -27.10 -9.30 29.84
C THR B 126 -25.62 -9.28 30.21
N ILE B 127 -24.86 -10.27 29.75
CA ILE B 127 -23.40 -10.39 30.03
C ILE B 127 -22.69 -9.08 29.64
N PHE B 128 -23.08 -8.48 28.50
CA PHE B 128 -22.38 -7.31 27.92
C PHE B 128 -23.18 -6.01 28.16
N ALA B 129 -23.99 -5.96 29.23
CA ALA B 129 -24.84 -4.79 29.55
C ALA B 129 -23.97 -3.68 30.15
N GLY B 130 -24.30 -2.43 29.78
CA GLY B 130 -23.65 -1.18 30.22
C GLY B 130 -24.21 -0.01 29.43
N GLU B 131 -23.43 1.06 29.24
CA GLU B 131 -23.78 2.16 28.31
C GLU B 131 -23.79 1.62 26.89
N GLY B 132 -24.85 1.90 26.14
CA GLY B 132 -24.99 1.51 24.71
C GLY B 132 -25.08 0.01 24.56
N GLU B 133 -24.57 -0.50 23.44
CA GLU B 133 -24.65 -1.94 23.11
C GLU B 133 -23.36 -2.34 22.39
N ILE B 134 -22.75 -3.45 22.82
CA ILE B 134 -21.61 -4.08 22.11
C ILE B 134 -22.06 -4.34 20.68
N PRO B 135 -21.28 -3.94 19.65
CA PRO B 135 -21.66 -4.19 18.26
C PRO B 135 -21.79 -5.69 17.97
N LEU B 136 -22.57 -6.05 16.94
CA LEU B 136 -22.66 -7.42 16.40
C LEU B 136 -23.08 -8.40 17.51
N LEU B 137 -24.07 -8.00 18.31
CA LEU B 137 -24.62 -8.80 19.44
C LEU B 137 -25.00 -10.21 18.93
N ASP B 138 -25.77 -10.27 17.85
CA ASP B 138 -26.30 -11.54 17.27
C ASP B 138 -25.12 -12.45 16.89
N GLU B 139 -24.14 -11.89 16.18
CA GLU B 139 -22.95 -12.64 15.67
C GLU B 139 -22.19 -13.25 16.86
N ARG B 140 -22.13 -12.56 17.99
CA ARG B 140 -21.42 -13.04 19.20
C ARG B 140 -22.18 -14.26 19.74
N ALA B 141 -23.50 -14.16 19.84
CA ALA B 141 -24.38 -15.26 20.27
C ALA B 141 -24.16 -16.45 19.35
N ARG B 142 -24.22 -16.23 18.04
CA ARG B 142 -24.06 -17.29 17.00
C ARG B 142 -22.69 -17.95 17.19
N ILE B 143 -21.64 -17.16 17.43
CA ILE B 143 -20.23 -17.64 17.45
C ILE B 143 -19.98 -18.43 18.73
N LEU B 144 -20.49 -17.95 19.86
CA LEU B 144 -20.41 -18.70 21.14
C LEU B 144 -21.11 -20.05 20.98
N ARG B 145 -22.24 -20.08 20.27
CA ARG B 145 -23.00 -21.33 19.99
C ARG B 145 -22.15 -22.24 19.11
N GLU B 146 -21.63 -21.72 17.99
CA GLU B 146 -20.72 -22.47 17.09
C GLU B 146 -19.57 -23.05 17.93
N THR B 147 -19.07 -22.24 18.88
CA THR B 147 -17.89 -22.59 19.73
C THR B 147 -18.26 -23.72 20.70
N GLY B 148 -19.46 -23.69 21.28
CA GLY B 148 -19.93 -24.70 22.25
C GLY B 148 -20.11 -26.06 21.60
N SER B 149 -20.87 -26.10 20.50
CA SER B 149 -21.12 -27.31 19.67
C SER B 149 -19.81 -28.01 19.41
N VAL B 150 -18.92 -27.32 18.71
CA VAL B 150 -17.65 -27.85 18.15
C VAL B 150 -16.82 -28.39 19.32
N LEU B 151 -16.87 -27.72 20.47
CA LEU B 151 -16.13 -28.13 21.70
C LEU B 151 -16.73 -29.44 22.20
N ALA B 152 -18.07 -29.54 22.20
CA ALA B 152 -18.83 -30.73 22.67
C ALA B 152 -18.65 -31.89 21.69
N GLU B 153 -18.84 -31.68 20.39
CA GLU B 153 -18.83 -32.80 19.39
C GLU B 153 -17.40 -33.27 19.17
N ARG B 154 -16.37 -32.43 19.32
CA ARG B 154 -15.01 -32.80 18.82
C ARG B 154 -13.91 -32.75 19.87
N PHE B 155 -14.12 -32.22 21.07
CA PHE B 155 -13.05 -32.12 22.11
C PHE B 155 -13.58 -32.48 23.50
N ALA B 156 -14.68 -33.24 23.57
CA ALA B 156 -15.27 -33.69 24.85
C ALA B 156 -15.50 -32.48 25.74
N GLY B 157 -15.72 -31.31 25.15
CA GLY B 157 -16.02 -30.05 25.86
C GLY B 157 -14.82 -29.49 26.60
N ARG B 158 -13.61 -30.00 26.33
CA ARG B 158 -12.36 -29.47 26.93
C ARG B 158 -11.45 -28.92 25.81
N PHE B 159 -11.31 -27.61 25.71
CA PHE B 159 -10.30 -27.00 24.80
C PHE B 159 -8.92 -27.60 25.13
N SER B 160 -8.71 -28.08 26.36
CA SER B 160 -7.46 -28.74 26.80
C SER B 160 -7.11 -29.93 25.88
N ASP B 161 -8.11 -30.66 25.35
CA ASP B 161 -7.90 -31.78 24.40
C ASP B 161 -7.22 -31.24 23.15
N ALA B 162 -7.72 -30.11 22.62
CA ALA B 162 -7.23 -29.47 21.37
C ALA B 162 -5.79 -28.97 21.59
N ILE B 163 -5.53 -28.44 22.78
CA ILE B 163 -4.19 -27.90 23.16
C ILE B 163 -3.19 -29.07 23.24
N ALA B 164 -3.54 -30.16 23.93
CA ALA B 164 -2.64 -31.33 24.11
C ALA B 164 -2.25 -31.90 22.75
N ALA B 165 -3.21 -31.97 21.80
CA ALA B 165 -3.01 -32.48 20.43
C ALA B 165 -1.98 -31.62 19.65
N ALA B 166 -1.81 -30.35 20.03
CA ALA B 166 -0.87 -29.42 19.36
C ALA B 166 0.58 -29.81 19.67
N GLY B 167 0.81 -30.49 20.80
CA GLY B 167 2.14 -30.99 21.20
C GLY B 167 3.13 -29.87 21.43
N ARG B 168 2.69 -28.79 22.11
CA ARG B 168 3.50 -27.60 22.41
C ARG B 168 3.87 -26.81 21.14
N SER B 169 3.22 -27.06 19.99
CA SER B 169 3.43 -26.24 18.76
C SER B 169 2.30 -25.22 18.61
N ALA B 170 2.61 -23.94 18.85
CA ALA B 170 1.71 -22.78 18.66
C ALA B 170 1.11 -22.79 17.26
N VAL B 171 1.92 -23.18 16.29
CA VAL B 171 1.53 -23.23 14.85
C VAL B 171 0.59 -24.42 14.63
N ALA B 172 0.91 -25.58 15.19
CA ALA B 172 0.02 -26.75 15.13
C ALA B 172 -1.34 -26.36 15.74
N LEU B 173 -1.34 -25.60 16.85
CA LEU B 173 -2.60 -25.29 17.56
C LEU B 173 -3.43 -24.30 16.73
N VAL B 174 -2.80 -23.34 16.06
CA VAL B 174 -3.56 -22.38 15.21
C VAL B 174 -4.30 -23.19 14.13
N ASP B 175 -3.63 -24.15 13.48
CA ASP B 175 -4.22 -24.99 12.40
C ASP B 175 -5.39 -25.83 12.96
N ILE B 176 -5.24 -26.38 14.17
CA ILE B 176 -6.29 -27.23 14.82
C ILE B 176 -7.55 -26.38 15.08
N VAL B 177 -7.36 -25.14 15.51
CA VAL B 177 -8.47 -24.20 15.86
C VAL B 177 -9.24 -23.79 14.59
N THR B 178 -8.53 -23.44 13.52
CA THR B 178 -9.17 -22.91 12.29
C THR B 178 -9.86 -24.05 11.53
N ASN B 179 -9.34 -25.26 11.64
CA ASN B 179 -9.90 -26.46 10.96
C ASN B 179 -11.25 -26.79 11.60
N ALA B 180 -11.42 -26.46 12.87
CA ALA B 180 -12.52 -26.97 13.73
C ALA B 180 -13.54 -25.87 14.05
N PHE B 181 -13.10 -24.61 14.18
CA PHE B 181 -13.95 -23.45 14.56
C PHE B 181 -14.05 -22.49 13.39
N PRO B 182 -15.15 -22.52 12.60
CA PRO B 182 -15.29 -21.66 11.42
C PRO B 182 -15.08 -20.17 11.69
N SER B 183 -15.54 -19.67 12.84
CA SER B 183 -15.46 -18.24 13.20
C SER B 183 -14.01 -17.76 13.09
N PHE B 184 -13.04 -18.64 13.36
CA PHE B 184 -11.59 -18.32 13.50
C PHE B 184 -10.86 -18.31 12.14
N ARG B 185 -11.55 -18.56 11.02
CA ARG B 185 -10.91 -18.70 9.68
C ARG B 185 -10.66 -17.32 9.07
N ASP B 186 -9.57 -16.66 9.47
CA ASP B 186 -9.26 -15.27 9.06
C ASP B 186 -8.33 -15.28 7.84
N VAL B 187 -8.93 -15.26 6.65
CA VAL B 187 -8.22 -15.16 5.35
C VAL B 187 -8.97 -14.13 4.51
N ALA B 188 -8.34 -13.65 3.45
CA ALA B 188 -8.92 -12.68 2.52
C ALA B 188 -8.25 -12.87 1.16
N THR B 189 -8.60 -12.04 0.19
CA THR B 189 -7.95 -12.06 -1.13
C THR B 189 -7.48 -10.65 -1.51
N TYR B 190 -6.46 -10.59 -2.34
CA TYR B 190 -5.86 -9.31 -2.79
C TYR B 190 -5.33 -9.51 -4.20
N ARG B 191 -5.95 -8.82 -5.16
CA ARG B 191 -5.64 -8.97 -6.60
C ARG B 191 -5.74 -10.48 -6.95
N GLY B 192 -6.68 -11.20 -6.33
CA GLY B 192 -7.01 -12.59 -6.69
C GLY B 192 -6.12 -13.62 -6.02
N GLU B 193 -5.25 -13.21 -5.09
CA GLU B 193 -4.36 -14.13 -4.31
C GLU B 193 -4.93 -14.26 -2.90
N GLN B 194 -4.83 -15.45 -2.30
CA GLN B 194 -5.27 -15.63 -0.89
C GLN B 194 -4.23 -14.98 0.03
N VAL B 195 -4.71 -14.20 0.99
CA VAL B 195 -3.90 -13.63 2.10
C VAL B 195 -4.40 -14.23 3.42
N ARG B 196 -3.49 -14.73 4.25
CA ARG B 196 -3.79 -15.43 5.51
C ARG B 196 -3.36 -14.57 6.70
N PHE B 197 -4.30 -14.28 7.61
CA PHE B 197 -4.10 -13.32 8.73
C PHE B 197 -4.10 -14.05 10.06
N TYR B 198 -5.16 -14.82 10.35
CA TYR B 198 -5.35 -15.66 11.55
C TYR B 198 -5.09 -14.81 12.80
N CYS B 199 -5.75 -13.66 12.87
CA CYS B 199 -5.57 -12.69 13.97
C CYS B 199 -6.01 -13.30 15.30
N ARG B 200 -7.28 -13.73 15.42
CA ARG B 200 -7.83 -14.23 16.71
C ARG B 200 -7.24 -15.61 17.06
N ALA B 201 -6.98 -16.46 16.07
CA ALA B 201 -6.42 -17.81 16.29
C ALA B 201 -5.00 -17.70 16.91
N GLN B 202 -4.22 -16.72 16.45
CA GLN B 202 -2.81 -16.52 16.91
C GLN B 202 -2.78 -15.85 18.28
N ILE B 203 -3.62 -14.84 18.51
CA ILE B 203 -3.63 -14.14 19.82
C ILE B 203 -4.07 -15.12 20.91
N LEU B 204 -4.94 -16.08 20.54
CA LEU B 204 -5.39 -17.17 21.45
C LEU B 204 -4.16 -17.93 21.97
N VAL B 205 -3.22 -18.30 21.10
CA VAL B 205 -2.02 -19.04 21.55
C VAL B 205 -1.25 -18.19 22.57
N SER B 206 -1.05 -16.90 22.29
CA SER B 206 -0.27 -15.97 23.16
C SER B 206 -1.02 -15.73 24.47
N ASP B 207 -2.36 -15.79 24.45
CA ASP B 207 -3.22 -15.62 25.65
C ASP B 207 -3.15 -16.88 26.54
N LEU B 208 -3.01 -18.07 25.95
CA LEU B 208 -2.80 -19.33 26.69
C LEU B 208 -1.45 -19.25 27.40
N TYR B 209 -0.44 -18.72 26.70
CA TYR B 209 0.94 -18.60 27.20
C TYR B 209 0.94 -17.64 28.40
N GLY B 210 0.28 -16.50 28.26
CA GLY B 210 0.13 -15.50 29.33
C GLY B 210 -0.57 -16.05 30.57
N ALA B 211 -1.76 -16.65 30.39
CA ALA B 211 -2.67 -17.06 31.48
C ALA B 211 -2.13 -18.27 32.24
N PHE B 212 -1.23 -19.05 31.63
CA PHE B 212 -0.61 -20.26 32.25
C PHE B 212 0.87 -19.99 32.59
N ASP B 213 1.35 -18.76 32.41
CA ASP B 213 2.74 -18.32 32.75
C ASP B 213 3.76 -19.25 32.07
N GLY B 214 3.51 -19.57 30.80
CA GLY B 214 4.46 -20.31 29.93
C GLY B 214 4.58 -21.77 30.31
N SER B 215 3.63 -22.31 31.08
CA SER B 215 3.69 -23.69 31.63
C SER B 215 2.40 -24.45 31.34
N ASP B 216 2.49 -25.78 31.40
CA ASP B 216 1.33 -26.68 31.20
C ASP B 216 0.74 -26.38 29.82
N LEU B 217 -0.51 -25.89 29.76
CA LEU B 217 -1.27 -25.71 28.50
C LEU B 217 -0.76 -24.46 27.76
N GLY B 218 -0.06 -23.56 28.46
CA GLY B 218 0.56 -22.35 27.86
C GLY B 218 2.03 -22.55 27.57
N ALA B 219 2.50 -23.80 27.43
CA ALA B 219 3.90 -24.09 27.05
C ALA B 219 3.98 -24.33 25.53
N PHE B 220 4.84 -23.57 24.87
CA PHE B 220 5.06 -23.61 23.40
C PHE B 220 6.55 -23.42 23.10
N ASP B 221 7.09 -24.19 22.16
CA ASP B 221 8.53 -24.23 21.83
C ASP B 221 8.81 -23.35 20.60
N ASP B 222 7.78 -22.77 19.98
CA ASP B 222 7.87 -22.09 18.67
C ASP B 222 7.09 -20.77 18.71
N LEU B 223 7.11 -20.02 19.81
CA LEU B 223 6.27 -18.80 19.93
C LEU B 223 6.75 -17.77 18.90
N GLY B 224 8.04 -17.80 18.56
CA GLY B 224 8.66 -16.94 17.53
C GLY B 224 7.90 -16.99 16.22
N GLU B 225 7.26 -18.13 15.91
CA GLU B 225 6.55 -18.37 14.63
C GLU B 225 5.27 -17.52 14.52
N LEU B 226 4.70 -17.07 15.65
CA LEU B 226 3.52 -16.17 15.62
C LEU B 226 3.91 -14.85 14.94
N THR B 227 2.99 -14.28 14.17
CA THR B 227 3.06 -12.89 13.65
C THR B 227 2.33 -11.96 14.62
N ALA B 228 2.28 -10.68 14.29
CA ALA B 228 1.41 -9.70 14.96
C ALA B 228 -0.04 -10.11 14.72
N PHE B 229 -0.94 -9.58 15.54
CA PHE B 229 -2.39 -9.82 15.51
C PHE B 229 -3.04 -8.61 14.84
N ALA B 230 -3.26 -8.73 13.53
CA ALA B 230 -3.66 -7.60 12.66
C ALA B 230 -5.12 -7.26 12.90
N ASP B 231 -5.42 -6.39 13.87
CA ASP B 231 -6.74 -5.70 13.98
C ASP B 231 -6.47 -4.20 13.81
N TYR B 232 -7.13 -3.32 14.58
CA TYR B 232 -7.22 -1.87 14.24
C TYR B 232 -6.20 -1.05 15.03
N LYS B 233 -5.75 -1.52 16.20
CA LYS B 233 -5.04 -0.67 17.18
C LYS B 233 -3.55 -0.59 16.82
N VAL B 234 -2.92 -1.72 16.53
CA VAL B 234 -1.45 -1.76 16.24
C VAL B 234 -1.15 -0.85 15.05
N PRO B 235 -1.86 -0.92 13.90
CA PRO B 235 -1.62 0.03 12.81
C PRO B 235 -1.83 1.51 13.19
N GLN B 236 -2.74 1.80 14.12
CA GLN B 236 -2.92 3.17 14.68
C GLN B 236 -1.61 3.64 15.32
N VAL B 237 -1.00 2.77 16.14
CA VAL B 237 0.27 3.04 16.85
C VAL B 237 1.40 3.19 15.81
N LEU B 238 1.50 2.27 14.87
CA LEU B 238 2.54 2.28 13.81
C LEU B 238 2.43 3.55 12.97
N HIS B 239 1.22 4.00 12.67
CA HIS B 239 1.01 5.27 11.93
C HIS B 239 1.54 6.41 12.80
N HIS B 240 1.16 6.40 14.08
CA HIS B 240 1.56 7.44 15.06
C HIS B 240 3.08 7.46 15.21
N LEU B 241 3.76 6.31 15.19
CA LEU B 241 5.24 6.24 15.29
C LEU B 241 5.90 6.56 13.94
N GLY B 242 5.11 6.82 12.88
CA GLY B 242 5.60 7.18 11.54
C GLY B 242 6.06 5.98 10.73
N ILE B 243 5.84 4.76 11.21
CA ILE B 243 6.29 3.50 10.53
C ILE B 243 5.35 3.19 9.35
N LEU B 244 4.04 3.34 9.56
CA LEU B 244 3.02 3.19 8.49
C LEU B 244 2.67 4.58 7.95
N ARG B 245 2.66 4.71 6.64
CA ARG B 245 2.22 5.95 5.95
C ARG B 245 0.97 5.60 5.13
N TYR B 246 -0.09 6.39 5.29
CA TYR B 246 -1.34 6.22 4.52
C TYR B 246 -1.34 7.25 3.39
N ALA B 247 -1.79 6.83 2.21
CA ALA B 247 -2.04 7.66 1.00
C ALA B 247 -3.18 8.64 1.29
N PRO B 248 -3.34 9.71 0.48
CA PRO B 248 -4.31 10.77 0.79
C PRO B 248 -5.79 10.38 0.98
N ALA B 249 -6.37 9.53 0.11
CA ALA B 249 -7.79 9.11 0.20
C ALA B 249 -8.05 8.26 1.45
N LEU B 250 -7.12 7.36 1.81
CA LEU B 250 -7.31 6.43 2.96
C LEU B 250 -7.17 7.24 4.25
N HIS B 251 -6.10 8.03 4.35
CA HIS B 251 -5.88 8.99 5.45
C HIS B 251 -7.21 9.72 5.74
N ASP B 252 -7.86 10.22 4.69
CA ASP B 252 -9.09 11.04 4.82
C ASP B 252 -10.25 10.14 5.28
N ARG B 253 -10.32 8.89 4.79
CA ARG B 253 -11.37 7.93 5.22
C ARG B 253 -11.21 7.66 6.72
N LEU B 254 -9.98 7.44 7.18
CA LEU B 254 -9.70 7.17 8.61
C LEU B 254 -10.06 8.41 9.45
N ALA B 255 -9.69 9.59 8.98
CA ALA B 255 -9.90 10.87 9.71
C ALA B 255 -11.40 11.17 9.85
N ARG B 256 -12.23 10.71 8.91
CA ARG B 256 -13.71 10.92 8.94
C ARG B 256 -14.42 9.78 9.68
N ARG B 257 -13.68 8.75 10.10
CA ARG B 257 -14.25 7.50 10.67
C ARG B 257 -15.26 6.91 9.66
N GLU B 258 -14.86 6.90 8.39
CA GLU B 258 -15.58 6.24 7.28
C GLU B 258 -15.24 4.75 7.34
N GLU B 259 -16.23 3.88 7.39
CA GLU B 259 -16.05 2.41 7.49
C GLU B 259 -15.26 1.92 6.27
N ILE B 260 -14.41 0.93 6.49
CA ILE B 260 -13.62 0.28 5.42
C ILE B 260 -14.09 -1.16 5.33
N PRO B 261 -14.79 -1.54 4.23
CA PRO B 261 -15.41 -2.86 4.13
C PRO B 261 -14.38 -3.99 4.34
N ALA B 262 -14.73 -4.98 5.14
CA ALA B 262 -13.88 -6.17 5.37
C ALA B 262 -13.51 -6.77 4.00
N GLY B 263 -12.23 -7.08 3.80
CA GLY B 263 -11.70 -7.74 2.60
C GLY B 263 -11.51 -6.78 1.44
N SER B 264 -11.79 -5.48 1.61
CA SER B 264 -11.47 -4.46 0.58
C SER B 264 -9.95 -4.33 0.48
N PRO B 265 -9.42 -3.92 -0.69
CA PRO B 265 -7.97 -3.72 -0.85
C PRO B 265 -7.34 -2.84 0.24
N GLU B 266 -7.96 -1.73 0.59
CA GLU B 266 -7.41 -0.80 1.62
C GLU B 266 -7.31 -1.54 2.95
N GLU B 267 -8.36 -2.26 3.33
CA GLU B 267 -8.40 -2.98 4.63
C GLU B 267 -7.31 -4.07 4.64
N VAL B 268 -7.10 -4.78 3.54
CA VAL B 268 -6.11 -5.90 3.47
C VAL B 268 -4.72 -5.27 3.49
N GLU B 269 -4.55 -4.12 2.83
CA GLU B 269 -3.25 -3.42 2.79
C GLU B 269 -2.85 -3.02 4.20
N ILE B 270 -3.78 -2.46 4.97
CA ILE B 270 -3.53 -2.04 6.38
C ILE B 270 -3.08 -3.25 7.19
N ARG B 271 -3.79 -4.37 7.06
CA ARG B 271 -3.51 -5.56 7.90
C ARG B 271 -2.18 -6.16 7.47
N ALA B 272 -1.90 -6.26 6.17
CA ALA B 272 -0.65 -6.86 5.68
C ALA B 272 0.52 -5.95 6.10
N ALA B 273 0.33 -4.63 6.02
CA ALA B 273 1.35 -3.64 6.44
C ALA B 273 1.53 -3.68 7.95
N THR B 274 0.49 -4.03 8.72
CA THR B 274 0.59 -4.19 10.19
C THR B 274 1.53 -5.36 10.50
N ILE B 275 1.28 -6.51 9.86
CA ILE B 275 2.11 -7.73 10.03
C ILE B 275 3.57 -7.36 9.76
N TRP B 276 3.84 -6.65 8.67
CA TRP B 276 5.22 -6.39 8.20
C TRP B 276 5.84 -5.18 8.91
N GLY B 277 5.03 -4.22 9.36
CA GLY B 277 5.49 -3.16 10.26
C GLY B 277 6.16 -3.74 11.49
N VAL B 278 5.46 -4.65 12.17
CA VAL B 278 5.94 -5.35 13.39
C VAL B 278 7.19 -6.16 13.02
N GLU B 279 7.15 -6.92 11.93
CA GLU B 279 8.27 -7.80 11.53
C GLU B 279 9.51 -6.94 11.27
N GLU B 280 9.36 -5.86 10.49
CA GLU B 280 10.48 -4.95 10.10
C GLU B 280 11.07 -4.31 11.36
N LEU B 281 10.21 -3.91 12.30
CA LEU B 281 10.65 -3.33 13.61
C LEU B 281 11.34 -4.40 14.45
N ARG B 282 10.88 -5.65 14.41
CA ARG B 282 11.52 -6.78 15.13
C ARG B 282 12.95 -6.99 14.60
N ARG B 283 13.12 -6.98 13.28
CA ARG B 283 14.42 -7.22 12.61
C ARG B 283 15.39 -6.10 13.02
N ALA B 284 14.92 -4.84 12.90
CA ALA B 284 15.66 -3.62 13.27
C ALA B 284 16.07 -3.68 14.76
N LEU B 285 15.14 -4.07 15.65
CA LEU B 285 15.42 -4.17 17.11
C LEU B 285 16.54 -5.21 17.32
N ALA B 286 16.44 -6.35 16.65
CA ALA B 286 17.38 -7.48 16.80
C ALA B 286 18.74 -7.07 16.21
N SER B 287 18.76 -6.29 15.13
CA SER B 287 20.02 -5.76 14.54
C SER B 287 20.74 -4.89 15.55
N ARG B 288 19.99 -4.19 16.40
CA ARG B 288 20.53 -3.24 17.42
C ARG B 288 20.64 -3.92 18.79
N GLY B 289 20.57 -5.27 18.84
CA GLY B 289 20.92 -6.09 20.02
C GLY B 289 19.78 -6.26 21.02
N HIS B 290 18.53 -6.07 20.60
CA HIS B 290 17.31 -6.28 21.41
C HIS B 290 16.42 -7.32 20.72
N ALA B 291 16.41 -8.55 21.22
CA ALA B 291 15.75 -9.71 20.58
C ALA B 291 14.41 -9.98 21.25
N LEU B 292 13.33 -9.73 20.51
CA LEU B 292 11.95 -10.03 20.92
C LEU B 292 11.31 -10.86 19.82
N ASP B 293 10.40 -11.76 20.19
CA ASP B 293 9.51 -12.48 19.23
C ASP B 293 8.48 -11.46 18.72
N ALA B 294 8.00 -11.63 17.49
CA ALA B 294 7.09 -10.66 16.84
C ALA B 294 5.89 -10.38 17.75
N TYR B 295 5.31 -11.40 18.41
CA TYR B 295 4.11 -11.23 19.27
C TYR B 295 4.44 -10.27 20.41
N GLN B 296 5.68 -10.29 20.90
CA GLN B 296 6.13 -9.39 21.99
C GLN B 296 6.15 -7.94 21.50
N VAL B 297 6.61 -7.70 20.27
CA VAL B 297 6.60 -6.35 19.64
C VAL B 297 5.14 -5.91 19.48
N ASP B 298 4.25 -6.84 19.15
CA ASP B 298 2.80 -6.57 19.01
C ASP B 298 2.25 -6.14 20.38
N TRP B 299 2.49 -6.94 21.43
CA TRP B 299 1.98 -6.69 22.81
C TRP B 299 2.37 -5.29 23.26
N LEU B 300 3.66 -5.01 23.08
CA LEU B 300 4.35 -3.75 23.41
C LEU B 300 3.68 -2.57 22.70
N LEU B 301 3.48 -2.68 21.37
CA LEU B 301 2.84 -1.62 20.54
C LEU B 301 1.39 -1.43 20.97
N TRP B 302 0.66 -2.52 21.24
CA TRP B 302 -0.77 -2.46 21.64
C TRP B 302 -0.88 -1.68 22.95
N ASP B 303 0.07 -1.91 23.87
CA ASP B 303 0.11 -1.25 25.20
C ASP B 303 0.33 0.26 25.03
N GLU B 304 1.21 0.66 24.09
CA GLU B 304 1.45 2.08 23.71
C GLU B 304 0.14 2.69 23.17
N GLY B 305 -0.64 1.88 22.44
CA GLY B 305 -1.95 2.27 21.87
C GLY B 305 -2.94 2.71 22.94
N GLN B 306 -2.79 2.20 24.17
CA GLN B 306 -3.67 2.58 25.31
C GLN B 306 -3.46 4.07 25.60
N ARG B 307 -2.23 4.56 25.48
CA ARG B 307 -1.79 5.89 25.97
C ARG B 307 -1.45 6.84 24.81
N LEU B 308 -2.16 6.77 23.68
CA LEU B 308 -1.83 7.61 22.50
C LEU B 308 -2.27 9.05 22.76
N PRO B 309 -1.44 10.05 22.39
CA PRO B 309 -1.81 11.45 22.63
C PRO B 309 -3.12 11.77 21.89
N ALA B 310 -3.94 12.67 22.44
CA ALA B 310 -5.19 13.13 21.81
C ALA B 310 -4.85 13.70 20.42
N GLY B 311 -5.78 13.56 19.46
CA GLY B 311 -5.61 14.06 18.09
C GLY B 311 -4.64 13.23 17.27
N THR B 312 -4.34 12.01 17.71
CA THR B 312 -3.77 10.95 16.84
C THR B 312 -4.81 10.65 15.76
N LEU B 313 -4.37 10.14 14.61
CA LEU B 313 -5.30 9.69 13.56
C LEU B 313 -6.13 8.54 14.13
N PRO B 314 -7.47 8.59 14.02
CA PRO B 314 -8.31 7.51 14.54
C PRO B 314 -7.96 6.17 13.89
N TYR B 315 -8.10 5.09 14.65
CA TYR B 315 -7.98 3.69 14.15
C TYR B 315 -9.03 3.47 13.06
N HIS B 316 -8.71 2.63 12.08
CA HIS B 316 -9.59 2.31 10.94
C HIS B 316 -10.77 1.50 11.47
N ARG B 317 -11.95 1.76 10.91
CA ARG B 317 -13.25 1.24 11.40
C ARG B 317 -13.77 0.24 10.35
N THR B 318 -13.67 -1.06 10.64
CA THR B 318 -14.19 -2.17 9.79
C THR B 318 -15.12 -3.05 10.62
N ARG B 319 -16.26 -3.46 10.04
CA ARG B 319 -17.20 -4.40 10.69
C ARG B 319 -16.88 -5.83 10.24
N THR B 320 -16.54 -6.69 11.19
CA THR B 320 -16.11 -8.09 10.96
C THR B 320 -17.27 -8.85 10.28
N ILE B 321 -16.94 -9.65 9.28
CA ILE B 321 -17.89 -10.55 8.57
C ILE B 321 -17.41 -11.98 8.80
N PHE B 322 -18.33 -12.95 8.85
CA PHE B 322 -18.00 -14.38 9.08
C PHE B 322 -18.67 -15.24 8.00
N TYR B 323 -20.00 -15.12 7.86
CA TYR B 323 -20.81 -15.77 6.79
C TYR B 323 -20.65 -17.30 6.88
O5' QEO C . 8.69 9.49 -19.05
C5' QEO C . 7.37 8.94 -19.10
C4' QEO C . 6.87 8.76 -20.51
C3' QEO C . 7.91 8.27 -21.55
O3' QEO C . 7.27 7.39 -22.47
C2' QEO C . 8.38 9.54 -22.24
O2' QEO C . 8.77 9.31 -23.59
O4' QEO C . 6.40 10.02 -21.01
C1' QEO C . 7.13 10.42 -22.17
N2 QEO C . 7.33 11.85 -22.00
C10 QEO C . 7.97 12.46 -20.95
N3 QEO C . 8.61 11.86 -19.91
C12 QEO C . 9.15 12.70 -19.02
N5 QEO C . 9.81 12.22 -17.95
N4 QEO C . 9.11 14.07 -19.14
C11 QEO C . 8.47 14.72 -20.20
O3 QEO C . 8.48 15.96 -20.24
C9 QEO C . 7.87 13.85 -21.15
C8 QEO C . 6.82 12.82 -22.84
C7 QEO C . 7.13 14.05 -22.37
C6 QEO C . 6.76 15.35 -23.02
N1 QEO C . 6.54 16.40 -22.04
C1 QEO C . 6.14 17.67 -22.62
C2 QEO C . 7.30 18.64 -22.92
O1 QEO C . 7.77 18.42 -24.24
C3 QEO C . 5.32 18.45 -21.61
C5 QEO C . 5.63 19.74 -21.65
C4 QEO C . 6.65 19.99 -22.73
O2 QEO C . 6.02 20.50 -23.90
C1 MLI D . 11.42 8.24 -26.48
C2 MLI D . 11.99 7.46 -27.66
C3 MLI D . 11.13 9.72 -26.75
O6 MLI D . 11.87 6.21 -27.65
O7 MLI D . 12.55 8.09 -28.58
O8 MLI D . 10.38 10.02 -27.70
O9 MLI D . 11.64 10.58 -25.99
O5' QEO E . -6.07 -7.72 17.80
C5' QEO E . -7.06 -8.70 18.07
C4' QEO E . -8.00 -8.27 19.17
C3' QEO E . -8.46 -6.82 19.12
O3' QEO E . -9.85 -6.74 19.33
C2' QEO E . -7.71 -6.11 20.25
O2' QEO E . -8.54 -5.13 20.82
O4' QEO E . -7.36 -8.45 20.46
C1' QEO E . -7.41 -7.26 21.22
N2 QEO E . -6.14 -7.20 21.93
C10 QEO E . -4.90 -7.15 21.35
N3 QEO E . -4.63 -7.08 20.01
C12 QEO E . -3.33 -7.02 19.69
N5 QEO E . -2.96 -6.94 18.41
N4 QEO E . -2.32 -7.03 20.64
C11 QEO E . -2.56 -7.10 22.00
O3 QEO E . -1.60 -7.11 22.80
C9 QEO E . -3.93 -7.17 22.35
C8 QEO E . -5.97 -7.28 23.30
C7 QEO E . -4.63 -7.25 23.60
C6 QEO E . -4.00 -7.28 24.96
N1 QEO E . -2.82 -8.13 25.05
C1 QEO E . -2.29 -8.14 26.41
C2 QEO E . -1.43 -6.94 26.84
O1 QEO E . -2.26 -5.87 27.26
C3 QEO E . -1.35 -9.29 26.66
C5 QEO E . -0.46 -8.96 27.59
C4 QEO E . -0.63 -7.52 27.99
O2 QEO E . -1.29 -7.39 29.25
#